data_2W72
#
_entry.id   2W72
#
_cell.length_a   61.957
_cell.length_b   82.447
_cell.length_c   53.531
_cell.angle_alpha   90.00
_cell.angle_beta   99.60
_cell.angle_gamma   90.00
#
_symmetry.space_group_name_H-M   'P 1 21 1'
#
loop_
_entity.id
_entity.type
_entity.pdbx_description
1 polymer 'HUMAN HEMOGLOBIN A'
2 polymer 'HUMAN HEMOGLOBIN A'
3 polymer 'HUMAN HEMOGLOBIN A'
4 non-polymer 'PROTOPORPHYRIN IX CONTAINING FE'
5 non-polymer 'SULFATE ION'
6 non-polymer XENON
7 non-polymer 'POTASSIUM ION'
8 non-polymer 'PHOSPHATE ION'
9 water water
#
loop_
_entity_poly.entity_id
_entity_poly.type
_entity_poly.pdbx_seq_one_letter_code
_entity_poly.pdbx_strand_id
1 'polypeptide(L)'
;VLSPADKTNVKAAWGKVGAHAGEYGAEAYERMFLSFPTTKTYFPHFDLSHGSAQVKGQGKKVADALTNAVAHVDDMPNAL
SALSDLHAHKLRVDPVNFKLLSHCLLVTLAAHLPAEFTPAVHASLDKFLASVSTVLTSKYR
;
A
2 'polypeptide(L)'
;MHLTPEEKSAVTALWGKVNVDEVGGEAYGRLLVVYPWTQRFFESFGDLSTPDAVMGNPKVKAQGKKVLGAFSDGLAHLDN
LKGTFATLSELHCDKLHVDPENFRLLGNVLVCVLAHHFGKEFTPPVQAAYQKVVAGVANALAHKYH
;
B,D
3 'polypeptide(L)'
;MLSPADKTNVKAAWGKVGAHAGEYGAEAYERMFLSFPTTKTYFPHFDLSHGSAQVKGQGKKVADALTNAVAHVDDMPNAL
SALSDLHAHKLRVDPVNFKLLSHCLLVTLAAHLPAEFTPAVHASLDKFLASVSTVLTSKYR
;
C
#
loop_
_chem_comp.id
_chem_comp.type
_chem_comp.name
_chem_comp.formula
HEM non-polymer 'PROTOPORPHYRIN IX CONTAINING FE' 'C34 H32 Fe N4 O4'
K non-polymer 'POTASSIUM ION' 'K 1'
PO4 non-polymer 'PHOSPHATE ION' 'O4 P -3'
SO4 non-polymer 'SULFATE ION' 'O4 S -2'
XE non-polymer XENON Xe
#
# COMPACT_ATOMS: atom_id res chain seq x y z
N VAL A 1 -5.41 17.30 -3.91
N VAL A 1 -11.91 19.25 -2.20
CA VAL A 1 -6.34 18.45 -4.17
CA VAL A 1 -10.47 19.67 -2.14
C VAL A 1 -7.33 18.12 -5.28
C VAL A 1 -9.89 19.56 -3.55
N LEU A 2 -8.62 18.40 -5.03
N LEU A 2 -10.72 19.06 -4.44
CA LEU A 2 -9.74 18.36 -5.99
CA LEU A 2 -10.29 18.74 -5.81
C LEU A 2 -9.86 19.73 -6.67
C LEU A 2 -10.23 19.90 -6.81
N SER A 3 -9.39 19.77 -7.88
CA SER A 3 -9.38 20.94 -8.79
C SER A 3 -10.77 21.12 -9.41
N PRO A 4 -11.06 22.33 -9.90
CA PRO A 4 -12.34 22.49 -10.56
C PRO A 4 -12.54 21.54 -11.75
N ALA A 5 -11.49 21.25 -12.52
CA ALA A 5 -11.64 20.27 -13.60
C ALA A 5 -11.98 18.89 -13.03
N ASP A 6 -11.28 18.48 -11.96
CA ASP A 6 -11.64 17.18 -11.38
C ASP A 6 -13.07 17.13 -10.86
N LYS A 7 -13.50 18.19 -10.17
CA LYS A 7 -14.85 18.23 -9.68
CA LYS A 7 -14.85 18.21 -9.65
C LYS A 7 -15.83 18.12 -10.82
N THR A 8 -15.56 18.85 -11.90
CA THR A 8 -16.46 18.85 -13.08
C THR A 8 -16.54 17.43 -13.66
N ASN A 9 -15.39 16.78 -13.80
CA ASN A 9 -15.42 15.43 -14.37
C ASN A 9 -16.18 14.44 -13.47
N VAL A 10 -15.94 14.56 -12.16
CA VAL A 10 -16.62 13.67 -11.20
CA VAL A 10 -16.65 13.63 -11.27
C VAL A 10 -18.15 13.86 -11.25
N LYS A 11 -18.58 15.12 -11.22
CA LYS A 11 -20.00 15.41 -11.28
C LYS A 11 -20.59 14.88 -12.59
N ALA A 12 -19.90 15.04 -13.71
CA ALA A 12 -20.43 14.58 -14.98
C ALA A 12 -20.55 13.06 -14.99
N ALA A 13 -19.50 12.38 -14.54
CA ALA A 13 -19.52 10.91 -14.56
C ALA A 13 -20.60 10.37 -13.61
N TRP A 14 -20.63 10.88 -12.38
N TRP A 14 -20.66 10.96 -12.42
CA TRP A 14 -21.62 10.36 -11.43
CA TRP A 14 -21.66 10.55 -11.43
C TRP A 14 -23.07 10.77 -11.80
C TRP A 14 -23.05 10.73 -11.94
N GLY A 15 -23.25 11.87 -12.55
CA GLY A 15 -24.54 12.23 -13.06
C GLY A 15 -24.97 11.22 -14.08
N LYS A 16 -24.02 10.77 -14.90
CA LYS A 16 -24.35 9.73 -15.86
CA LYS A 16 -24.34 9.72 -15.88
C LYS A 16 -24.71 8.39 -15.22
N VAL A 17 -24.00 8.04 -14.16
CA VAL A 17 -24.33 6.86 -13.41
C VAL A 17 -25.77 6.95 -12.93
N GLY A 18 -26.13 8.11 -12.42
CA GLY A 18 -27.52 8.45 -12.10
C GLY A 18 -28.12 7.42 -11.20
N ALA A 19 -29.27 6.89 -11.59
CA ALA A 19 -30.06 5.97 -10.77
C ALA A 19 -29.44 4.59 -10.67
N HIS A 20 -28.38 4.33 -11.44
CA HIS A 20 -27.69 3.04 -11.36
CA HIS A 20 -27.67 3.05 -11.38
C HIS A 20 -26.65 2.99 -10.24
N ALA A 21 -26.48 4.08 -9.50
CA ALA A 21 -25.39 4.17 -8.50
C ALA A 21 -25.43 2.99 -7.52
N GLY A 22 -26.60 2.68 -6.99
CA GLY A 22 -26.68 1.60 -6.03
C GLY A 22 -26.29 0.23 -6.60
N GLU A 23 -26.75 -0.03 -7.82
CA GLU A 23 -26.38 -1.26 -8.52
CA GLU A 23 -26.37 -1.26 -8.54
C GLU A 23 -24.86 -1.34 -8.72
N TYR A 24 -24.27 -0.23 -9.10
CA TYR A 24 -22.85 -0.19 -9.36
C TYR A 24 -22.07 -0.33 -8.03
N GLY A 25 -22.58 0.24 -6.94
CA GLY A 25 -21.94 0.07 -5.67
C GLY A 25 -21.91 -1.41 -5.24
N ALA A 26 -23.03 -2.11 -5.49
CA ALA A 26 -23.09 -3.52 -5.16
C ALA A 26 -22.09 -4.35 -6.01
N GLU A 27 -22.04 -4.06 -7.30
CA GLU A 27 -21.10 -4.71 -8.20
C GLU A 27 -19.67 -4.43 -7.77
N ALA A 28 -19.39 -3.22 -7.30
CA ALA A 28 -18.02 -2.92 -6.85
C ALA A 28 -17.63 -3.81 -5.66
N TYR A 29 -18.54 -3.97 -4.71
CA TYR A 29 -18.27 -4.88 -3.58
C TYR A 29 -18.11 -6.32 -4.09
N GLU A 30 -18.98 -6.77 -4.96
CA GLU A 30 -18.86 -8.12 -5.48
C GLU A 30 -17.49 -8.35 -6.14
N ARG A 31 -17.09 -7.39 -6.94
CA ARG A 31 -15.78 -7.46 -7.58
C ARG A 31 -14.67 -7.49 -6.55
N MET A 32 -14.78 -6.68 -5.53
CA MET A 32 -13.73 -6.62 -4.49
C MET A 32 -13.63 -7.93 -3.73
N PHE A 33 -14.75 -8.52 -3.37
CA PHE A 33 -14.72 -9.74 -2.60
C PHE A 33 -14.07 -10.88 -3.39
N LEU A 34 -14.28 -10.92 -4.70
CA LEU A 34 -13.68 -11.95 -5.53
C LEU A 34 -12.20 -11.67 -5.81
N SER A 35 -11.88 -10.43 -6.15
CA SER A 35 -10.50 -10.09 -6.51
C SER A 35 -9.59 -10.03 -5.32
N PHE A 36 -10.13 -9.63 -4.16
CA PHE A 36 -9.34 -9.38 -2.95
C PHE A 36 -10.02 -10.08 -1.81
N PRO A 37 -9.91 -11.40 -1.75
CA PRO A 37 -10.73 -12.14 -0.77
C PRO A 37 -10.52 -11.74 0.67
N THR A 38 -9.40 -11.16 1.05
CA THR A 38 -9.21 -10.73 2.43
C THR A 38 -10.24 -9.69 2.85
N THR A 39 -10.82 -8.97 1.89
CA THR A 39 -11.83 -7.98 2.22
C THR A 39 -13.11 -8.60 2.77
N LYS A 40 -13.31 -9.90 2.52
CA LYS A 40 -14.46 -10.59 3.07
C LYS A 40 -14.39 -10.71 4.57
N THR A 41 -13.21 -10.52 5.17
CA THR A 41 -13.08 -10.63 6.60
C THR A 41 -13.94 -9.62 7.34
N TYR A 42 -14.34 -8.52 6.67
CA TYR A 42 -15.18 -7.50 7.30
C TYR A 42 -16.67 -7.83 7.22
N PHE A 43 -17.03 -8.88 6.48
CA PHE A 43 -18.42 -9.24 6.27
C PHE A 43 -18.66 -10.71 6.57
N PRO A 44 -18.21 -11.20 7.74
CA PRO A 44 -18.52 -12.62 8.07
C PRO A 44 -20.08 -12.89 8.28
N HIS A 45 -20.85 -11.84 8.56
N HIS A 45 -20.81 -11.83 8.59
CA HIS A 45 -22.30 -11.99 8.71
CA HIS A 45 -22.27 -11.85 8.76
C HIS A 45 -23.08 -12.13 7.43
C HIS A 45 -23.09 -11.72 7.49
N PHE A 46 -22.40 -11.89 6.34
CA PHE A 46 -23.08 -11.80 5.10
CA PHE A 46 -23.06 -11.71 5.04
C PHE A 46 -23.07 -12.99 4.19
N ASP A 47 -24.18 -13.16 3.50
CA ASP A 47 -24.20 -13.95 2.29
C ASP A 47 -23.51 -13.08 1.23
N LEU A 48 -22.37 -13.54 0.73
CA LEU A 48 -21.61 -12.79 -0.24
C LEU A 48 -21.75 -13.40 -1.62
N SER A 49 -22.74 -14.26 -1.85
CA SER A 49 -22.92 -14.79 -3.19
CA SER A 49 -23.07 -14.82 -3.17
C SER A 49 -23.47 -13.74 -4.18
N HIS A 50 -23.25 -14.01 -5.48
CA HIS A 50 -23.74 -13.10 -6.54
CA HIS A 50 -23.71 -13.18 -6.52
C HIS A 50 -25.22 -12.89 -6.33
N GLY A 51 -25.62 -11.63 -6.38
CA GLY A 51 -27.01 -11.25 -6.22
C GLY A 51 -27.51 -11.16 -4.80
N SER A 52 -26.65 -11.40 -3.82
CA SER A 52 -27.04 -11.26 -2.43
C SER A 52 -27.68 -9.92 -2.14
N ALA A 53 -28.82 -9.92 -1.49
CA ALA A 53 -29.48 -8.67 -1.12
C ALA A 53 -28.67 -7.96 -0.04
N GLN A 54 -27.87 -8.65 0.75
CA GLN A 54 -27.06 -7.95 1.72
C GLN A 54 -25.99 -7.12 1.01
N VAL A 55 -25.38 -7.69 -0.01
CA VAL A 55 -24.41 -6.95 -0.82
C VAL A 55 -25.11 -5.80 -1.56
N LYS A 56 -26.32 -6.02 -2.08
CA LYS A 56 -27.07 -4.95 -2.71
CA LYS A 56 -27.04 -4.95 -2.73
C LYS A 56 -27.31 -3.81 -1.74
N GLY A 57 -27.70 -4.13 -0.51
CA GLY A 57 -27.96 -3.12 0.52
C GLY A 57 -26.71 -2.31 0.80
N GLN A 58 -25.58 -3.01 0.96
CA GLN A 58 -24.31 -2.37 1.25
C GLN A 58 -23.95 -1.47 0.08
N GLY A 59 -24.08 -1.97 -1.15
CA GLY A 59 -23.77 -1.14 -2.29
C GLY A 59 -24.63 0.10 -2.41
N LYS A 60 -25.91 -0.01 -2.07
CA LYS A 60 -26.77 1.15 -2.09
CA LYS A 60 -26.78 1.16 -2.06
C LYS A 60 -26.33 2.19 -1.05
N LYS A 61 -26.01 1.75 0.15
CA LYS A 61 -25.58 2.67 1.20
CA LYS A 61 -25.64 2.74 1.15
C LYS A 61 -24.31 3.39 0.77
N VAL A 62 -23.35 2.63 0.23
CA VAL A 62 -22.09 3.26 -0.14
C VAL A 62 -22.29 4.21 -1.33
N ALA A 63 -23.05 3.79 -2.33
CA ALA A 63 -23.38 4.68 -3.45
C ALA A 63 -24.02 5.95 -2.98
N ASP A 64 -24.97 5.86 -2.04
CA ASP A 64 -25.64 7.05 -1.57
C ASP A 64 -24.65 7.95 -0.83
N ALA A 65 -23.72 7.38 -0.09
CA ALA A 65 -22.71 8.18 0.56
C ALA A 65 -21.87 8.89 -0.46
N LEU A 66 -21.51 8.19 -1.54
CA LEU A 66 -20.73 8.81 -2.59
C LEU A 66 -21.49 9.92 -3.30
N THR A 67 -22.79 9.70 -3.52
CA THR A 67 -23.61 10.77 -4.11
C THR A 67 -23.59 12.01 -3.22
N ASN A 68 -23.69 11.79 -1.92
CA ASN A 68 -23.66 12.88 -0.99
CA ASN A 68 -23.61 12.85 -0.86
C ASN A 68 -22.30 13.59 -0.98
N ALA A 69 -21.21 12.82 -1.08
CA ALA A 69 -19.87 13.37 -1.16
C ALA A 69 -19.72 14.21 -2.42
N VAL A 70 -20.22 13.74 -3.55
CA VAL A 70 -20.20 14.52 -4.79
C VAL A 70 -20.96 15.85 -4.58
N ALA A 71 -22.14 15.78 -3.96
CA ALA A 71 -22.95 16.97 -3.73
C ALA A 71 -22.24 17.94 -2.80
N HIS A 72 -21.33 17.47 -1.96
CA HIS A 72 -20.59 18.25 -0.99
CA HIS A 72 -20.63 18.28 -1.01
C HIS A 72 -19.12 18.23 -1.24
N VAL A 73 -18.72 18.23 -2.51
CA VAL A 73 -17.32 18.06 -2.82
C VAL A 73 -16.42 19.19 -2.23
N ASP A 74 -17.00 20.37 -1.98
CA ASP A 74 -16.33 21.54 -1.39
CA ASP A 74 -16.19 21.43 -1.36
C ASP A 74 -16.41 21.54 0.15
N ASP A 75 -17.11 20.56 0.72
CA ASP A 75 -17.35 20.51 2.16
CA ASP A 75 -17.33 20.50 2.18
C ASP A 75 -17.40 19.04 2.62
N MET A 76 -16.45 18.25 2.15
CA MET A 76 -16.61 16.84 2.27
CA MET A 76 -16.57 16.81 2.27
C MET A 76 -16.36 16.28 3.68
N PRO A 77 -15.35 16.77 4.40
CA PRO A 77 -15.19 16.24 5.78
C PRO A 77 -16.45 16.31 6.61
N ASN A 78 -17.16 17.44 6.59
CA ASN A 78 -18.36 17.48 7.41
C ASN A 78 -19.42 16.53 6.91
N ALA A 79 -19.60 16.46 5.58
CA ALA A 79 -20.62 15.61 5.02
C ALA A 79 -20.41 14.15 5.43
N LEU A 80 -19.17 13.73 5.44
CA LEU A 80 -18.81 12.35 5.73
C LEU A 80 -18.47 12.09 7.19
N SER A 81 -18.67 13.07 8.09
CA SER A 81 -18.18 12.95 9.45
CA SER A 81 -18.12 12.93 9.40
C SER A 81 -18.73 11.75 10.17
N ALA A 82 -20.05 11.51 10.09
CA ALA A 82 -20.63 10.36 10.79
C ALA A 82 -19.99 9.07 10.26
N LEU A 83 -19.76 8.98 8.95
CA LEU A 83 -19.14 7.80 8.37
C LEU A 83 -17.67 7.65 8.78
N SER A 84 -16.95 8.77 8.88
CA SER A 84 -15.59 8.73 9.43
CA SER A 84 -15.62 8.76 9.41
CA SER A 84 -15.60 8.69 9.38
C SER A 84 -15.59 8.21 10.83
N ASP A 85 -16.54 8.65 11.66
CA ASP A 85 -16.62 8.12 13.03
CA ASP A 85 -16.63 8.12 13.01
C ASP A 85 -16.90 6.62 13.01
N LEU A 86 -17.84 6.19 12.17
CA LEU A 86 -18.28 4.82 12.18
C LEU A 86 -17.13 3.90 11.76
N HIS A 87 -16.41 4.28 10.71
CA HIS A 87 -15.31 3.45 10.24
C HIS A 87 -14.13 3.48 11.23
N ALA A 88 -13.85 4.64 11.81
CA ALA A 88 -12.72 4.74 12.75
C ALA A 88 -12.94 3.98 14.02
N HIS A 89 -14.16 4.00 14.55
CA HIS A 89 -14.40 3.69 15.95
CA HIS A 89 -14.30 3.60 15.92
C HIS A 89 -15.17 2.39 16.12
N LYS A 90 -15.88 1.97 15.09
CA LYS A 90 -16.62 0.71 15.21
CA LYS A 90 -16.70 0.77 15.17
C LYS A 90 -16.18 -0.29 14.17
N LEU A 91 -16.36 0.01 12.89
CA LEU A 91 -16.04 -0.97 11.86
C LEU A 91 -14.54 -1.29 11.81
N ARG A 92 -13.74 -0.23 11.87
CA ARG A 92 -12.30 -0.37 12.02
C ARG A 92 -11.68 -1.18 10.86
N VAL A 93 -12.12 -0.86 9.66
CA VAL A 93 -11.62 -1.41 8.42
C VAL A 93 -10.21 -0.93 8.16
N ASP A 94 -9.24 -1.82 7.98
CA ASP A 94 -7.89 -1.35 7.79
C ASP A 94 -7.88 -0.40 6.58
N PRO A 95 -7.15 0.72 6.68
CA PRO A 95 -7.08 1.66 5.57
C PRO A 95 -6.75 1.09 4.18
N VAL A 96 -5.96 0.01 4.11
CA VAL A 96 -5.58 -0.50 2.82
CA VAL A 96 -5.60 -0.51 2.79
C VAL A 96 -6.82 -0.90 1.99
N ASN A 97 -7.89 -1.33 2.67
CA ASN A 97 -9.03 -1.82 1.94
C ASN A 97 -9.76 -0.75 1.15
N PHE A 98 -9.63 0.50 1.56
CA PHE A 98 -10.30 1.58 0.81
C PHE A 98 -9.71 1.67 -0.60
N LYS A 99 -8.40 1.40 -0.76
CA LYS A 99 -7.76 1.39 -2.05
CA LYS A 99 -7.86 1.45 -2.10
C LYS A 99 -8.41 0.31 -2.93
N LEU A 100 -8.65 -0.84 -2.31
CA LEU A 100 -9.15 -2.00 -3.03
C LEU A 100 -10.59 -1.71 -3.53
N LEU A 101 -11.43 -1.19 -2.63
CA LEU A 101 -12.80 -0.86 -3.06
C LEU A 101 -12.78 0.25 -4.11
N SER A 102 -11.91 1.26 -3.94
CA SER A 102 -11.83 2.34 -4.92
C SER A 102 -11.49 1.81 -6.28
N HIS A 103 -10.51 0.90 -6.39
CA HIS A 103 -10.17 0.32 -7.67
C HIS A 103 -11.37 -0.43 -8.22
N CYS A 104 -12.08 -1.21 -7.40
CA CYS A 104 -13.20 -1.96 -7.91
C CYS A 104 -14.36 -1.06 -8.33
N LEU A 105 -14.54 0.11 -7.70
CA LEU A 105 -15.54 1.01 -8.22
CA LEU A 105 -15.49 1.13 -8.14
C LEU A 105 -15.08 1.61 -9.54
N LEU A 106 -13.82 1.92 -9.73
CA LEU A 106 -13.34 2.34 -11.08
C LEU A 106 -13.61 1.28 -12.12
N VAL A 107 -13.30 0.03 -11.81
CA VAL A 107 -13.51 -1.05 -12.76
C VAL A 107 -15.00 -1.13 -13.12
N THR A 108 -15.86 -1.01 -12.10
CA THR A 108 -17.31 -1.08 -12.32
C THR A 108 -17.77 0.04 -13.23
N LEU A 109 -17.32 1.26 -12.93
CA LEU A 109 -17.65 2.40 -13.78
CA LEU A 109 -17.68 2.36 -13.80
C LEU A 109 -17.15 2.20 -15.21
N ALA A 110 -15.91 1.74 -15.36
CA ALA A 110 -15.39 1.47 -16.68
C ALA A 110 -16.25 0.46 -17.43
N ALA A 111 -16.70 -0.59 -16.74
CA ALA A 111 -17.50 -1.66 -17.37
C ALA A 111 -18.89 -1.24 -17.78
N HIS A 112 -19.32 -0.09 -17.30
CA HIS A 112 -20.66 0.42 -17.60
C HIS A 112 -20.69 1.74 -18.39
N LEU A 113 -19.56 2.41 -18.60
CA LEU A 113 -19.47 3.69 -19.27
C LEU A 113 -18.53 3.71 -20.47
N PRO A 114 -18.95 3.12 -21.60
CA PRO A 114 -18.02 3.14 -22.73
CA PRO A 114 -18.05 3.13 -22.75
C PRO A 114 -17.58 4.55 -23.12
N ALA A 115 -18.50 5.49 -23.23
CA ALA A 115 -18.13 6.87 -23.64
C ALA A 115 -17.46 7.70 -22.54
N GLU A 116 -18.03 7.62 -21.35
CA GLU A 116 -17.70 8.61 -20.35
CA GLU A 116 -17.70 8.59 -20.32
C GLU A 116 -16.39 8.32 -19.61
N PHE A 117 -15.96 7.06 -19.54
CA PHE A 117 -14.72 6.70 -18.77
C PHE A 117 -13.47 6.96 -19.59
N THR A 118 -13.27 8.21 -19.93
CA THR A 118 -12.11 8.67 -20.65
C THR A 118 -10.88 8.65 -19.72
N PRO A 119 -9.67 8.80 -20.27
CA PRO A 119 -8.49 8.88 -19.39
C PRO A 119 -8.58 10.02 -18.36
N ALA A 120 -9.04 11.18 -18.79
CA ALA A 120 -9.14 12.31 -17.87
C ALA A 120 -10.17 12.06 -16.78
N VAL A 121 -11.29 11.47 -17.15
CA VAL A 121 -12.33 11.19 -16.16
C VAL A 121 -11.90 10.10 -15.18
N HIS A 122 -11.22 9.07 -15.70
CA HIS A 122 -10.60 8.03 -14.86
C HIS A 122 -9.69 8.66 -13.84
N ALA A 123 -8.82 9.57 -14.28
CA ALA A 123 -7.88 10.21 -13.35
C ALA A 123 -8.62 10.99 -12.26
N SER A 124 -9.65 11.77 -12.67
CA SER A 124 -10.39 12.57 -11.70
C SER A 124 -11.13 11.69 -10.72
N LEU A 125 -11.77 10.61 -11.21
CA LEU A 125 -12.46 9.70 -10.33
C LEU A 125 -11.53 9.04 -9.32
N ASP A 126 -10.33 8.68 -9.79
CA ASP A 126 -9.36 8.05 -8.87
C ASP A 126 -8.98 9.04 -7.78
N LYS A 127 -8.72 10.30 -8.15
CA LYS A 127 -8.41 11.34 -7.18
CA LYS A 127 -8.39 11.29 -7.13
C LYS A 127 -9.56 11.52 -6.19
N PHE A 128 -10.80 11.55 -6.71
CA PHE A 128 -11.96 11.75 -5.86
C PHE A 128 -12.08 10.59 -4.86
N LEU A 129 -11.96 9.35 -5.33
CA LEU A 129 -12.11 8.23 -4.42
C LEU A 129 -11.00 8.17 -3.40
N ALA A 130 -9.78 8.60 -3.78
CA ALA A 130 -8.71 8.71 -2.80
C ALA A 130 -9.02 9.74 -1.76
N SER A 131 -9.64 10.86 -2.16
CA SER A 131 -9.99 11.89 -1.20
CA SER A 131 -10.02 11.91 -1.23
CA SER A 131 -10.00 11.90 -1.21
C SER A 131 -11.09 11.42 -0.25
N VAL A 132 -12.11 10.73 -0.77
CA VAL A 132 -13.14 10.16 0.07
C VAL A 132 -12.50 9.22 1.08
N SER A 133 -11.60 8.35 0.59
CA SER A 133 -10.94 7.37 1.46
C SER A 133 -10.13 8.09 2.55
N THR A 134 -9.41 9.14 2.18
CA THR A 134 -8.67 9.91 3.18
C THR A 134 -9.59 10.46 4.27
N VAL A 135 -10.74 11.02 3.85
CA VAL A 135 -11.68 11.54 4.82
C VAL A 135 -12.18 10.39 5.73
N LEU A 136 -12.54 9.27 5.11
CA LEU A 136 -13.09 8.19 5.90
C LEU A 136 -12.10 7.56 6.87
N THR A 137 -10.80 7.74 6.63
CA THR A 137 -9.78 7.19 7.55
C THR A 137 -9.16 8.26 8.43
N SER A 138 -9.62 9.50 8.37
CA SER A 138 -8.95 10.61 9.02
C SER A 138 -9.08 10.57 10.54
N LYS A 139 -10.02 9.83 11.11
CA LYS A 139 -10.20 9.81 12.58
CA LYS A 139 -10.25 9.80 12.56
C LYS A 139 -9.79 8.49 13.17
N TYR A 140 -9.10 7.66 12.37
CA TYR A 140 -8.70 6.34 12.88
C TYR A 140 -7.78 6.42 14.07
N ARG A 141 -6.92 7.43 14.14
CA ARG A 141 -6.03 7.56 15.28
C ARG A 141 -5.73 9.00 15.48
N MET B 1 2.58 -19.83 -11.38
CA MET B 1 1.61 -19.35 -10.36
CA MET B 1 1.58 -19.31 -10.39
C MET B 1 0.38 -20.24 -10.41
N HIS B 2 -0.18 -20.49 -9.23
CA HIS B 2 -1.36 -21.35 -9.07
CA HIS B 2 -1.34 -21.36 -9.12
C HIS B 2 -2.61 -20.62 -9.49
N LEU B 3 -3.31 -21.16 -10.48
CA LEU B 3 -4.58 -20.60 -10.86
C LEU B 3 -5.56 -21.71 -10.85
N THR B 4 -6.80 -21.41 -10.44
CA THR B 4 -7.80 -22.45 -10.56
C THR B 4 -8.06 -22.72 -12.04
N PRO B 5 -8.72 -23.86 -12.35
N PRO B 5 -8.64 -23.91 -12.34
CA PRO B 5 -8.83 -24.01 -13.79
CA PRO B 5 -9.09 -24.29 -13.68
C PRO B 5 -9.82 -23.02 -14.39
C PRO B 5 -9.94 -23.21 -14.37
N GLU B 6 -10.84 -22.58 -13.62
CA GLU B 6 -11.75 -21.54 -14.06
CA GLU B 6 -11.72 -21.55 -14.17
C GLU B 6 -10.96 -20.25 -14.35
N GLU B 7 -9.97 -19.94 -13.45
CA GLU B 7 -9.15 -18.71 -13.60
CA GLU B 7 -9.10 -18.73 -13.56
C GLU B 7 -8.26 -18.77 -14.86
N LYS B 8 -7.53 -19.86 -15.06
CA LYS B 8 -6.60 -19.86 -16.18
CA LYS B 8 -6.60 -19.95 -16.19
C LYS B 8 -7.40 -19.87 -17.49
N SER B 9 -8.50 -20.60 -17.53
CA SER B 9 -9.37 -20.62 -18.70
CA SER B 9 -9.40 -20.63 -18.69
C SER B 9 -9.99 -19.26 -18.96
N ALA B 10 -10.38 -18.57 -17.90
CA ALA B 10 -10.93 -17.26 -18.06
C ALA B 10 -9.89 -16.29 -18.64
N VAL B 11 -8.65 -16.39 -18.20
CA VAL B 11 -7.61 -15.50 -18.70
C VAL B 11 -7.34 -15.77 -20.18
N THR B 12 -7.11 -17.01 -20.53
CA THR B 12 -6.75 -17.30 -21.89
CA THR B 12 -6.79 -17.36 -21.91
C THR B 12 -7.93 -17.00 -22.85
N ALA B 13 -9.16 -17.31 -22.44
CA ALA B 13 -10.31 -17.06 -23.28
C ALA B 13 -10.44 -15.58 -23.58
N LEU B 14 -10.34 -14.74 -22.56
CA LEU B 14 -10.48 -13.32 -22.82
C LEU B 14 -9.33 -12.79 -23.68
N TRP B 15 -8.13 -13.28 -23.43
CA TRP B 15 -6.98 -12.72 -24.08
C TRP B 15 -7.00 -12.96 -25.59
N GLY B 16 -7.54 -14.11 -26.01
CA GLY B 16 -7.52 -14.40 -27.44
C GLY B 16 -8.35 -13.37 -28.19
N LYS B 17 -9.28 -12.68 -27.51
CA LYS B 17 -10.12 -11.64 -28.07
C LYS B 17 -9.51 -10.27 -28.15
N VAL B 18 -8.39 -10.08 -27.44
CA VAL B 18 -7.78 -8.77 -27.23
C VAL B 18 -6.89 -8.37 -28.43
N ASN B 19 -7.05 -7.10 -28.80
CA ASN B 19 -6.15 -6.42 -29.70
CA ASN B 19 -6.10 -6.47 -29.72
C ASN B 19 -4.98 -5.90 -28.86
N VAL B 20 -3.88 -6.64 -28.82
CA VAL B 20 -2.83 -6.37 -27.83
C VAL B 20 -2.20 -5.01 -28.07
N ASP B 21 -1.94 -4.65 -29.31
CA ASP B 21 -1.33 -3.35 -29.58
C ASP B 21 -2.24 -2.25 -29.10
N GLU B 22 -3.53 -2.34 -29.37
CA GLU B 22 -4.45 -1.29 -28.99
CA GLU B 22 -4.51 -1.31 -28.98
C GLU B 22 -4.60 -1.18 -27.47
N VAL B 23 -4.82 -2.29 -26.80
CA VAL B 23 -4.91 -2.30 -25.36
C VAL B 23 -3.60 -1.84 -24.75
N GLY B 24 -2.48 -2.18 -25.33
CA GLY B 24 -1.23 -1.75 -24.76
C GLY B 24 -1.02 -0.28 -24.81
N GLY B 25 -1.33 0.35 -25.94
CA GLY B 25 -1.23 1.79 -26.05
C GLY B 25 -2.20 2.46 -25.11
N GLU B 26 -3.41 1.92 -24.96
CA GLU B 26 -4.43 2.51 -24.11
C GLU B 26 -4.04 2.41 -22.63
N ALA B 27 -3.59 1.23 -22.19
CA ALA B 27 -3.22 1.07 -20.81
C ALA B 27 -1.99 1.88 -20.46
N TYR B 28 -0.99 1.89 -21.35
CA TYR B 28 0.22 2.63 -21.01
C TYR B 28 -0.04 4.11 -20.99
N GLY B 29 -0.83 4.62 -21.94
CA GLY B 29 -1.20 6.03 -21.88
C GLY B 29 -1.94 6.36 -20.62
N ARG B 30 -2.92 5.53 -20.24
CA ARG B 30 -3.65 5.81 -19.01
C ARG B 30 -2.77 5.74 -17.79
N LEU B 31 -1.77 4.87 -17.76
CA LEU B 31 -0.84 4.87 -16.65
C LEU B 31 -0.22 6.25 -16.50
N LEU B 32 0.25 6.84 -17.59
CA LEU B 32 0.93 8.14 -17.55
C LEU B 32 -0.02 9.28 -17.24
N VAL B 33 -1.31 9.16 -17.56
CA VAL B 33 -2.29 10.20 -17.26
C VAL B 33 -2.75 10.09 -15.80
N VAL B 34 -3.14 8.90 -15.38
CA VAL B 34 -3.73 8.70 -14.07
C VAL B 34 -2.69 8.82 -12.96
N TYR B 35 -1.46 8.35 -13.23
CA TYR B 35 -0.38 8.34 -12.24
C TYR B 35 0.80 9.09 -12.87
N PRO B 36 0.70 10.42 -12.98
CA PRO B 36 1.62 11.14 -13.86
C PRO B 36 3.08 11.15 -13.39
N TRP B 37 3.36 10.77 -12.14
CA TRP B 37 4.74 10.63 -11.70
C TRP B 37 5.43 9.50 -12.46
N THR B 38 4.69 8.58 -13.06
CA THR B 38 5.28 7.56 -13.91
C THR B 38 5.93 8.12 -15.15
N GLN B 39 5.62 9.37 -15.51
CA GLN B 39 6.28 10.02 -16.65
C GLN B 39 7.76 10.23 -16.44
N ARG B 40 8.24 10.07 -15.21
CA ARG B 40 9.67 10.27 -14.89
CA ARG B 40 9.66 10.30 -14.92
C ARG B 40 10.61 9.45 -15.72
N PHE B 41 10.14 8.30 -16.25
CA PHE B 41 10.99 7.43 -17.04
C PHE B 41 10.95 7.73 -18.52
N PHE B 42 10.14 8.72 -18.92
CA PHE B 42 9.84 8.94 -20.31
C PHE B 42 10.13 10.38 -20.71
N GLU B 43 11.21 10.95 -20.15
CA GLU B 43 11.60 12.34 -20.44
CA GLU B 43 11.52 12.35 -20.44
C GLU B 43 11.79 12.60 -21.92
N SER B 44 12.21 11.59 -22.67
CA SER B 44 12.51 11.84 -24.07
C SER B 44 11.33 11.58 -25.01
N PHE B 45 10.17 11.26 -24.46
CA PHE B 45 9.08 10.79 -25.32
C PHE B 45 8.27 11.89 -25.99
N GLY B 46 8.61 13.14 -25.77
CA GLY B 46 7.90 14.24 -26.42
C GLY B 46 6.76 14.76 -25.58
N ASP B 47 5.70 15.18 -26.26
CA ASP B 47 4.62 15.90 -25.59
C ASP B 47 3.77 14.98 -24.73
N LEU B 48 3.82 15.27 -23.43
CA LEU B 48 3.04 14.56 -22.40
C LEU B 48 2.29 15.57 -21.55
N SER B 49 2.08 16.76 -22.10
CA SER B 49 1.54 17.92 -21.38
CA SER B 49 1.57 17.86 -21.30
C SER B 49 0.09 17.79 -20.92
N THR B 50 -0.77 17.12 -21.70
CA THR B 50 -2.25 17.00 -21.42
C THR B 50 -2.73 15.54 -21.66
N PRO B 51 -3.89 15.06 -21.16
CA PRO B 51 -4.29 13.68 -21.46
C PRO B 51 -4.35 13.33 -22.93
N ASP B 52 -4.89 14.21 -23.78
CA ASP B 52 -4.94 13.91 -25.21
CA ASP B 52 -4.93 13.89 -25.21
C ASP B 52 -3.53 13.78 -25.79
N ALA B 53 -2.58 14.62 -25.33
CA ALA B 53 -1.21 14.53 -25.88
C ALA B 53 -0.58 13.18 -25.51
N VAL B 54 -0.79 12.77 -24.25
CA VAL B 54 -0.19 11.50 -23.78
C VAL B 54 -0.78 10.38 -24.60
N MET B 55 -2.10 10.34 -24.70
CA MET B 55 -2.78 9.21 -25.31
C MET B 55 -2.48 9.09 -26.80
N GLY B 56 -2.26 10.23 -27.44
CA GLY B 56 -1.95 10.29 -28.86
C GLY B 56 -0.47 10.24 -29.22
N ASN B 57 0.40 10.20 -28.22
CA ASN B 57 1.83 10.28 -28.44
C ASN B 57 2.34 8.96 -29.06
N PRO B 58 2.98 9.03 -30.24
CA PRO B 58 3.40 7.75 -30.87
C PRO B 58 4.40 6.97 -30.03
N LYS B 59 5.27 7.64 -29.29
CA LYS B 59 6.24 6.91 -28.50
C LYS B 59 5.58 6.21 -27.32
N VAL B 60 4.57 6.84 -26.72
CA VAL B 60 3.80 6.20 -25.67
C VAL B 60 3.12 4.95 -26.22
N LYS B 61 2.48 5.09 -27.38
CA LYS B 61 1.82 3.93 -27.94
CA LYS B 61 1.83 3.97 -28.07
C LYS B 61 2.81 2.84 -28.30
N ALA B 62 3.98 3.17 -28.84
CA ALA B 62 4.96 2.15 -29.18
C ALA B 62 5.47 1.43 -27.93
N GLN B 63 5.66 2.19 -26.85
CA GLN B 63 6.10 1.58 -25.57
C GLN B 63 5.00 0.66 -25.04
N GLY B 64 3.72 1.09 -25.10
CA GLY B 64 2.65 0.24 -24.64
C GLY B 64 2.56 -1.06 -25.45
N LYS B 65 2.81 -0.97 -26.75
CA LYS B 65 2.77 -2.16 -27.58
CA LYS B 65 2.78 -2.14 -27.60
C LYS B 65 3.87 -3.12 -27.18
N LYS B 66 5.08 -2.62 -26.94
CA LYS B 66 6.21 -3.47 -26.52
CA LYS B 66 6.11 -3.58 -26.59
C LYS B 66 5.91 -4.16 -25.20
N VAL B 67 5.45 -3.37 -24.26
CA VAL B 67 5.19 -3.83 -22.91
C VAL B 67 4.09 -4.87 -22.90
N LEU B 68 2.96 -4.55 -23.54
CA LEU B 68 1.87 -5.52 -23.50
CA LEU B 68 1.85 -5.50 -23.55
C LEU B 68 2.16 -6.71 -24.40
N GLY B 69 3.02 -6.55 -25.41
CA GLY B 69 3.46 -7.75 -26.18
C GLY B 69 4.23 -8.72 -25.27
N ALA B 70 5.11 -8.20 -24.42
CA ALA B 70 5.86 -9.04 -23.47
C ALA B 70 4.91 -9.65 -22.43
N PHE B 71 3.94 -8.87 -21.96
CA PHE B 71 2.92 -9.38 -21.07
C PHE B 71 2.16 -10.57 -21.77
N SER B 72 1.74 -10.36 -23.00
CA SER B 72 1.01 -11.35 -23.77
CA SER B 72 1.05 -11.38 -23.81
C SER B 72 1.86 -12.65 -23.88
N ASP B 73 3.15 -12.50 -24.21
CA ASP B 73 4.02 -13.66 -24.37
C ASP B 73 4.07 -14.41 -23.05
N GLY B 74 4.09 -13.69 -21.92
CA GLY B 74 4.15 -14.30 -20.62
C GLY B 74 2.92 -15.12 -20.26
N LEU B 75 1.78 -14.79 -20.86
CA LEU B 75 0.54 -15.53 -20.59
CA LEU B 75 0.54 -15.55 -20.60
C LEU B 75 0.57 -16.96 -21.11
N ALA B 76 1.60 -17.31 -21.89
CA ALA B 76 1.82 -18.67 -22.34
C ALA B 76 2.60 -19.44 -21.31
N HIS B 77 3.00 -18.78 -20.23
CA HIS B 77 3.94 -19.30 -19.23
CA HIS B 77 3.90 -19.34 -19.24
C HIS B 77 3.39 -19.04 -17.82
N LEU B 78 2.08 -19.16 -17.67
CA LEU B 78 1.45 -18.85 -16.40
C LEU B 78 1.94 -19.72 -15.28
N ASP B 79 2.47 -20.91 -15.60
CA ASP B 79 3.06 -21.77 -14.55
C ASP B 79 4.45 -21.38 -14.09
N ASN B 80 5.10 -20.46 -14.80
CA ASN B 80 6.46 -20.05 -14.39
CA ASN B 80 6.52 -20.13 -14.69
C ASN B 80 6.74 -18.63 -14.88
N LEU B 81 6.00 -17.75 -14.22
CA LEU B 81 6.16 -16.34 -14.51
C LEU B 81 7.52 -15.82 -14.07
N LYS B 82 8.05 -16.26 -12.93
CA LYS B 82 9.37 -15.81 -12.49
CA LYS B 82 9.33 -15.74 -12.51
C LYS B 82 10.42 -16.15 -13.54
N GLY B 83 10.41 -17.38 -14.03
CA GLY B 83 11.41 -17.70 -15.05
C GLY B 83 11.23 -16.96 -16.38
N THR B 84 9.98 -16.79 -16.79
CA THR B 84 9.76 -16.12 -18.05
CA THR B 84 9.65 -16.10 -18.02
C THR B 84 10.16 -14.64 -18.02
N PHE B 85 10.03 -14.00 -16.86
CA PHE B 85 10.34 -12.57 -16.75
C PHE B 85 11.68 -12.26 -16.12
N ALA B 86 12.51 -13.25 -15.83
CA ALA B 86 13.76 -12.98 -15.10
C ALA B 86 14.65 -12.03 -15.85
N THR B 87 14.84 -12.22 -17.15
CA THR B 87 15.71 -11.32 -17.87
C THR B 87 15.22 -9.91 -17.89
N LEU B 88 13.92 -9.72 -18.12
CA LEU B 88 13.35 -8.38 -18.08
C LEU B 88 13.38 -7.81 -16.66
N SER B 89 13.27 -8.65 -15.64
CA SER B 89 13.33 -8.19 -14.26
C SER B 89 14.69 -7.55 -13.99
N GLU B 90 15.75 -8.29 -14.35
CA GLU B 90 17.08 -7.72 -14.15
CA GLU B 90 17.10 -7.77 -14.22
C GLU B 90 17.30 -6.46 -14.96
N LEU B 91 16.76 -6.40 -16.18
CA LEU B 91 16.86 -5.18 -17.00
C LEU B 91 16.22 -4.00 -16.28
N HIS B 92 15.00 -4.23 -15.78
CA HIS B 92 14.26 -3.12 -15.14
C HIS B 92 14.92 -2.64 -13.86
N CYS B 93 15.59 -3.54 -13.14
CA CYS B 93 16.32 -3.15 -11.96
CA CYS B 93 16.30 -3.08 -11.97
C CYS B 93 17.63 -2.46 -12.33
N ASP B 94 18.48 -3.17 -13.04
CA ASP B 94 19.88 -2.77 -13.21
C ASP B 94 20.10 -1.67 -14.23
N LYS B 95 19.31 -1.65 -15.30
CA LYS B 95 19.50 -0.66 -16.36
CA LYS B 95 19.49 -0.68 -16.37
C LYS B 95 18.47 0.44 -16.31
N LEU B 96 17.20 0.07 -16.10
CA LEU B 96 16.14 1.06 -16.25
C LEU B 96 15.81 1.73 -14.91
N HIS B 97 16.19 1.13 -13.79
CA HIS B 97 15.98 1.69 -12.44
CA HIS B 97 15.96 1.66 -12.44
C HIS B 97 14.52 1.98 -12.15
N VAL B 98 13.64 1.05 -12.48
CA VAL B 98 12.18 1.23 -12.35
C VAL B 98 11.68 0.63 -11.05
N ASP B 99 11.13 1.45 -10.16
CA ASP B 99 10.53 0.93 -8.92
C ASP B 99 9.45 -0.06 -9.30
N PRO B 100 9.44 -1.27 -8.77
CA PRO B 100 8.38 -2.23 -9.13
C PRO B 100 6.97 -1.82 -8.77
N GLU B 101 6.80 -0.83 -7.89
CA GLU B 101 5.42 -0.37 -7.67
CA GLU B 101 5.46 -0.30 -7.65
C GLU B 101 4.80 0.07 -8.99
N ASN B 102 5.59 0.55 -9.94
CA ASN B 102 5.05 0.92 -11.25
C ASN B 102 4.34 -0.24 -11.93
N PHE B 103 4.86 -1.45 -11.76
CA PHE B 103 4.21 -2.62 -12.37
C PHE B 103 2.83 -2.84 -11.80
N ARG B 104 2.67 -2.60 -10.49
CA ARG B 104 1.37 -2.74 -9.87
CA ARG B 104 1.38 -2.70 -9.81
C ARG B 104 0.40 -1.69 -10.37
N LEU B 105 0.86 -0.47 -10.53
CA LEU B 105 -0.01 0.60 -11.11
C LEU B 105 -0.43 0.20 -12.49
N LEU B 106 0.49 -0.29 -13.32
CA LEU B 106 0.11 -0.68 -14.66
C LEU B 106 -0.90 -1.80 -14.62
N GLY B 107 -0.72 -2.79 -13.76
CA GLY B 107 -1.70 -3.89 -13.68
C GLY B 107 -3.07 -3.39 -13.39
N ASN B 108 -3.19 -2.47 -12.44
CA ASN B 108 -4.49 -1.88 -12.10
CA ASN B 108 -4.56 -2.07 -12.18
C ASN B 108 -5.12 -1.16 -13.28
N VAL B 109 -4.32 -0.38 -13.98
CA VAL B 109 -4.80 0.35 -15.15
CA VAL B 109 -4.88 0.35 -15.15
C VAL B 109 -5.23 -0.64 -16.25
N LEU B 110 -4.45 -1.70 -16.48
CA LEU B 110 -4.80 -2.69 -17.48
C LEU B 110 -6.17 -3.33 -17.16
N VAL B 111 -6.39 -3.65 -15.89
CA VAL B 111 -7.68 -4.21 -15.49
C VAL B 111 -8.81 -3.23 -15.84
N CYS B 112 -8.61 -1.94 -15.53
CA CYS B 112 -9.60 -0.94 -15.88
C CYS B 112 -9.84 -0.87 -17.40
N VAL B 113 -8.77 -0.96 -18.19
CA VAL B 113 -8.90 -0.94 -19.64
C VAL B 113 -9.67 -2.15 -20.17
N LEU B 114 -9.39 -3.33 -19.64
CA LEU B 114 -10.10 -4.50 -20.10
CA LEU B 114 -10.11 -4.55 -20.00
C LEU B 114 -11.59 -4.37 -19.72
N ALA B 115 -11.89 -3.85 -18.53
CA ALA B 115 -13.29 -3.62 -18.15
C ALA B 115 -13.94 -2.62 -19.10
N HIS B 116 -13.23 -1.56 -19.42
CA HIS B 116 -13.77 -0.54 -20.30
C HIS B 116 -14.06 -1.10 -21.69
N HIS B 117 -13.17 -1.95 -22.17
CA HIS B 117 -13.34 -2.43 -23.52
CA HIS B 117 -13.29 -2.53 -23.52
C HIS B 117 -14.39 -3.55 -23.60
N PHE B 118 -14.43 -4.46 -22.64
CA PHE B 118 -15.30 -5.64 -22.69
C PHE B 118 -16.64 -5.43 -22.00
N GLY B 119 -16.77 -4.36 -21.22
CA GLY B 119 -18.04 -4.12 -20.56
C GLY B 119 -18.50 -5.32 -19.73
N LYS B 120 -19.79 -5.66 -19.87
CA LYS B 120 -20.39 -6.72 -19.06
CA LYS B 120 -20.32 -6.68 -19.00
C LYS B 120 -19.65 -8.03 -19.14
N GLU B 121 -18.95 -8.29 -20.26
CA GLU B 121 -18.21 -9.52 -20.43
CA GLU B 121 -18.25 -9.56 -20.38
C GLU B 121 -17.00 -9.62 -19.47
N PHE B 122 -16.54 -8.49 -18.95
CA PHE B 122 -15.46 -8.49 -17.98
C PHE B 122 -16.09 -8.67 -16.59
N THR B 123 -16.59 -9.89 -16.35
CA THR B 123 -17.39 -10.15 -15.20
C THR B 123 -16.53 -10.15 -13.94
N PRO B 124 -17.16 -10.12 -12.75
CA PRO B 124 -16.36 -10.16 -11.52
C PRO B 124 -15.39 -11.35 -11.45
N PRO B 125 -15.80 -12.59 -11.82
CA PRO B 125 -14.79 -13.65 -11.77
CA PRO B 125 -14.86 -13.72 -11.87
C PRO B 125 -13.69 -13.50 -12.83
N VAL B 126 -14.01 -12.95 -14.00
CA VAL B 126 -12.93 -12.73 -15.00
C VAL B 126 -11.97 -11.67 -14.45
N GLN B 127 -12.50 -10.61 -13.85
CA GLN B 127 -11.61 -9.62 -13.23
C GLN B 127 -10.73 -10.28 -12.18
N ALA B 128 -11.28 -11.14 -11.33
CA ALA B 128 -10.49 -11.72 -10.27
C ALA B 128 -9.32 -12.50 -10.83
N ALA B 129 -9.58 -13.27 -11.92
CA ALA B 129 -8.52 -14.00 -12.58
C ALA B 129 -7.41 -13.07 -13.08
N TYR B 130 -7.81 -11.99 -13.74
CA TYR B 130 -6.86 -11.01 -14.21
C TYR B 130 -6.12 -10.31 -13.09
N GLN B 131 -6.79 -10.04 -11.95
CA GLN B 131 -6.07 -9.47 -10.80
CA GLN B 131 -6.12 -9.43 -10.83
C GLN B 131 -4.96 -10.37 -10.34
N LYS B 132 -5.23 -11.67 -10.29
CA LYS B 132 -4.19 -12.67 -9.94
CA LYS B 132 -4.17 -12.58 -9.88
C LYS B 132 -3.04 -12.59 -10.89
N VAL B 133 -3.36 -12.55 -12.19
CA VAL B 133 -2.34 -12.56 -13.21
C VAL B 133 -1.49 -11.30 -13.17
N VAL B 134 -2.11 -10.12 -13.08
CA VAL B 134 -1.29 -8.89 -13.07
C VAL B 134 -0.43 -8.84 -11.83
N ALA B 135 -0.94 -9.33 -10.70
CA ALA B 135 -0.11 -9.40 -9.50
C ALA B 135 1.06 -10.36 -9.70
N GLY B 136 0.77 -11.50 -10.31
CA GLY B 136 1.85 -12.47 -10.55
C GLY B 136 2.90 -11.93 -11.50
N VAL B 137 2.49 -11.21 -12.55
CA VAL B 137 3.43 -10.62 -13.47
C VAL B 137 4.27 -9.53 -12.79
N ALA B 138 3.60 -8.68 -12.02
CA ALA B 138 4.37 -7.64 -11.29
C ALA B 138 5.38 -8.31 -10.34
N ASN B 139 4.97 -9.35 -9.62
CA ASN B 139 5.88 -10.05 -8.71
CA ASN B 139 5.86 -10.03 -8.71
C ASN B 139 7.02 -10.67 -9.45
N ALA B 140 6.75 -11.25 -10.61
CA ALA B 140 7.81 -11.83 -11.41
C ALA B 140 8.79 -10.78 -11.93
N LEU B 141 8.27 -9.64 -12.37
CA LEU B 141 9.14 -8.55 -12.81
CA LEU B 141 9.17 -8.59 -12.85
C LEU B 141 9.95 -7.94 -11.70
N ALA B 142 9.44 -8.04 -10.48
CA ALA B 142 10.17 -7.54 -9.30
C ALA B 142 11.19 -8.53 -8.73
N HIS B 143 11.17 -9.79 -9.20
CA HIS B 143 11.84 -10.88 -8.51
CA HIS B 143 11.84 -10.83 -8.42
C HIS B 143 13.35 -10.77 -8.46
N LYS B 144 13.95 -10.24 -9.51
CA LYS B 144 15.42 -10.14 -9.63
CA LYS B 144 15.40 -10.16 -9.56
C LYS B 144 15.95 -8.84 -9.08
N TYR B 145 15.10 -8.01 -8.48
CA TYR B 145 15.61 -6.77 -7.88
C TYR B 145 16.49 -7.10 -6.67
N HIS B 146 17.46 -6.23 -6.44
CA HIS B 146 18.42 -6.40 -5.37
C HIS B 146 19.03 -5.03 -5.06
N MET C 1 -5.50 11.28 12.36
N MET C 1 -4.66 13.03 11.05
CA MET C 1 -5.24 12.75 12.32
CA MET C 1 -5.15 12.55 12.37
C MET C 1 -4.37 13.16 13.48
C MET C 1 -4.18 12.98 13.46
N LEU C 2 -3.46 14.08 13.19
CA LEU C 2 -2.46 14.56 14.15
C LEU C 2 -3.14 15.47 15.14
N SER C 3 -3.06 15.12 16.42
CA SER C 3 -3.61 15.94 17.50
C SER C 3 -2.59 16.95 18.10
N PRO C 4 -3.04 18.02 18.81
CA PRO C 4 -2.05 18.78 19.54
CA PRO C 4 -2.19 18.82 19.74
C PRO C 4 -1.21 17.98 20.61
N ALA C 5 -1.71 16.91 21.23
CA ALA C 5 -0.81 16.09 22.07
C ALA C 5 0.28 15.44 21.21
N ASP C 6 -0.10 15.01 20.00
CA ASP C 6 0.89 14.47 19.08
C ASP C 6 1.97 15.51 18.76
N LYS C 7 1.53 16.75 18.53
CA LYS C 7 2.42 17.85 18.22
CA LYS C 7 2.50 17.72 18.13
C LYS C 7 3.43 18.04 19.34
N THR C 8 2.91 18.06 20.56
CA THR C 8 3.80 18.14 21.74
C THR C 8 4.81 17.02 21.81
N ASN C 9 4.35 15.78 21.60
CA ASN C 9 5.23 14.66 21.63
C ASN C 9 6.32 14.72 20.58
N VAL C 10 5.95 15.12 19.35
CA VAL C 10 6.95 15.18 18.29
C VAL C 10 7.97 16.28 18.57
N LYS C 11 7.49 17.44 19.03
CA LYS C 11 8.44 18.50 19.38
C LYS C 11 9.43 18.02 20.45
N ALA C 12 8.95 17.28 21.44
CA ALA C 12 9.83 16.81 22.49
C ALA C 12 10.80 15.78 21.96
N ALA C 13 10.31 14.83 21.17
CA ALA C 13 11.17 13.74 20.72
C ALA C 13 12.20 14.26 19.73
N TRP C 14 11.77 15.07 18.75
CA TRP C 14 12.72 15.62 17.79
C TRP C 14 13.69 16.60 18.45
N GLY C 15 13.19 17.34 19.45
CA GLY C 15 14.08 18.20 20.22
C GLY C 15 15.17 17.38 20.87
N LYS C 16 14.82 16.21 21.43
CA LYS C 16 15.80 15.34 22.05
C LYS C 16 16.78 14.79 21.02
N VAL C 17 16.32 14.45 19.81
CA VAL C 17 17.23 14.03 18.75
C VAL C 17 18.29 15.11 18.54
N GLY C 18 17.85 16.38 18.53
CA GLY C 18 18.79 17.47 18.57
C GLY C 18 19.81 17.38 17.46
N ALA C 19 21.07 17.52 17.85
CA ALA C 19 22.16 17.61 16.89
C ALA C 19 22.39 16.32 16.12
N HIS C 20 21.78 15.22 16.57
CA HIS C 20 21.89 13.93 15.91
CA HIS C 20 21.95 13.94 15.85
C HIS C 20 20.95 13.77 14.71
N ALA C 21 20.13 14.80 14.44
CA ALA C 21 19.08 14.61 13.40
C ALA C 21 19.65 14.20 12.06
N GLY C 22 20.70 14.86 11.59
CA GLY C 22 21.24 14.49 10.29
C GLY C 22 21.79 13.08 10.26
N GLU C 23 22.50 12.69 11.30
CA GLU C 23 22.97 11.33 11.46
CA GLU C 23 23.00 11.33 11.34
C GLU C 23 21.83 10.33 11.36
N TYR C 24 20.74 10.62 12.05
CA TYR C 24 19.62 9.71 12.05
C TYR C 24 18.91 9.69 10.73
N GLY C 25 18.83 10.83 10.04
CA GLY C 25 18.29 10.82 8.68
C GLY C 25 19.11 9.94 7.76
N ALA C 26 20.42 10.04 7.85
CA ALA C 26 21.29 9.21 7.02
C ALA C 26 21.09 7.75 7.35
N GLU C 27 21.05 7.41 8.64
CA GLU C 27 20.86 6.02 9.01
C GLU C 27 19.51 5.48 8.56
N ALA C 28 18.49 6.33 8.57
CA ALA C 28 17.17 5.86 8.09
C ALA C 28 17.26 5.48 6.63
N TYR C 29 17.93 6.29 5.81
CA TYR C 29 18.13 5.89 4.40
C TYR C 29 18.93 4.63 4.27
N GLU C 30 20.04 4.51 5.02
CA GLU C 30 20.85 3.34 4.96
C GLU C 30 20.02 2.08 5.28
N ARG C 31 19.25 2.16 6.35
CA ARG C 31 18.37 1.07 6.74
C ARG C 31 17.35 0.77 5.66
N MET C 32 16.76 1.79 5.06
CA MET C 32 15.75 1.60 4.03
C MET C 32 16.37 0.89 2.82
N PHE C 33 17.54 1.30 2.40
CA PHE C 33 18.13 0.69 1.20
C PHE C 33 18.40 -0.78 1.43
N LEU C 34 18.77 -1.20 2.64
CA LEU C 34 19.03 -2.58 2.97
CA LEU C 34 19.01 -2.61 2.92
C LEU C 34 17.73 -3.39 3.11
N SER C 35 16.78 -2.84 3.86
CA SER C 35 15.55 -3.54 4.15
C SER C 35 14.62 -3.60 2.98
N PHE C 36 14.63 -2.56 2.12
CA PHE C 36 13.67 -2.39 1.03
C PHE C 36 14.50 -2.02 -0.20
N PRO C 37 15.19 -2.99 -0.79
CA PRO C 37 16.12 -2.74 -1.91
CA PRO C 37 16.15 -2.61 -1.84
C PRO C 37 15.52 -1.96 -3.06
N THR C 38 14.21 -2.11 -3.30
CA THR C 38 13.64 -1.38 -4.45
C THR C 38 13.77 0.14 -4.29
N THR C 39 13.95 0.61 -3.06
CA THR C 39 14.08 2.07 -2.87
C THR C 39 15.38 2.61 -3.46
N LYS C 40 16.35 1.71 -3.72
CA LYS C 40 17.59 2.11 -4.38
C LYS C 40 17.36 2.51 -5.82
N THR C 41 16.21 2.17 -6.42
CA THR C 41 15.94 2.59 -7.77
C THR C 41 15.90 4.13 -7.92
N TYR C 42 15.71 4.85 -6.80
CA TYR C 42 15.69 6.29 -6.83
C TYR C 42 17.07 6.91 -6.66
N PHE C 43 18.07 6.08 -6.36
CA PHE C 43 19.43 6.56 -6.11
C PHE C 43 20.45 5.80 -6.92
N PRO C 44 20.23 5.56 -8.21
CA PRO C 44 21.20 4.83 -9.01
C PRO C 44 22.52 5.64 -9.15
N HIS C 45 22.43 6.95 -9.05
CA HIS C 45 23.55 7.90 -9.15
CA HIS C 45 23.73 7.60 -9.18
C HIS C 45 24.43 8.06 -7.90
N PHE C 46 24.00 7.59 -6.70
N PHE C 46 24.36 7.14 -6.97
CA PHE C 46 24.76 7.76 -5.42
CA PHE C 46 24.85 7.42 -5.69
C PHE C 46 25.74 6.65 -5.18
C PHE C 46 25.84 6.42 -5.13
N ASP C 47 26.82 6.99 -4.46
CA ASP C 47 27.58 6.02 -3.67
CA ASP C 47 27.66 6.27 -3.60
C ASP C 47 26.80 5.86 -2.38
N LEU C 48 26.34 4.61 -2.29
CA LEU C 48 25.50 4.17 -1.19
C LEU C 48 26.33 3.39 -0.13
N SER C 49 27.65 3.56 -0.20
CA SER C 49 28.54 3.00 0.80
CA SER C 49 28.52 2.99 0.80
C SER C 49 28.19 3.58 2.14
N HIS C 50 28.34 2.76 3.19
CA HIS C 50 28.19 3.23 4.54
CA HIS C 50 28.15 3.26 4.55
C HIS C 50 29.02 4.50 4.76
N GLY C 51 28.42 5.54 5.33
CA GLY C 51 29.14 6.77 5.67
C GLY C 51 29.47 7.68 4.49
N SER C 52 28.92 7.41 3.31
CA SER C 52 29.24 8.30 2.16
C SER C 52 28.78 9.70 2.39
N ALA C 53 29.51 10.64 1.77
CA ALA C 53 29.11 12.02 1.84
C ALA C 53 27.74 12.22 1.23
N GLN C 54 27.42 11.54 0.15
CA GLN C 54 26.11 11.72 -0.44
CA GLN C 54 26.11 11.66 -0.49
C GLN C 54 24.98 11.25 0.46
N VAL C 55 25.13 10.10 1.12
CA VAL C 55 24.09 9.67 2.07
C VAL C 55 24.01 10.59 3.28
N LYS C 56 25.18 11.02 3.79
CA LYS C 56 25.12 11.95 4.93
CA LYS C 56 25.19 11.97 4.90
C LYS C 56 24.50 13.27 4.52
N GLY C 57 24.78 13.75 3.30
CA GLY C 57 24.20 15.02 2.85
C GLY C 57 22.68 14.87 2.72
N GLN C 58 22.24 13.78 2.15
CA GLN C 58 20.79 13.53 2.01
C GLN C 58 20.16 13.47 3.40
N GLY C 59 20.79 12.77 4.34
CA GLY C 59 20.24 12.71 5.68
C GLY C 59 20.16 14.05 6.37
N LYS C 60 21.15 14.91 6.17
CA LYS C 60 21.11 16.24 6.78
CA LYS C 60 21.14 16.24 6.75
C LYS C 60 20.02 17.09 6.18
N LYS C 61 19.86 17.02 4.86
CA LYS C 61 18.82 17.84 4.22
C LYS C 61 17.43 17.40 4.65
N VAL C 62 17.24 16.08 4.69
CA VAL C 62 15.95 15.53 5.12
C VAL C 62 15.68 15.86 6.58
N ALA C 63 16.70 15.75 7.41
CA ALA C 63 16.57 16.15 8.80
C ALA C 63 16.20 17.62 8.97
N ASP C 64 16.85 18.48 8.18
CA ASP C 64 16.49 19.92 8.25
CA ASP C 64 16.51 19.88 8.19
C ASP C 64 15.03 20.12 7.86
N ALA C 65 14.55 19.40 6.85
CA ALA C 65 13.16 19.52 6.45
C ALA C 65 12.23 19.09 7.57
N LEU C 66 12.56 17.98 8.20
CA LEU C 66 11.77 17.50 9.31
C LEU C 66 11.80 18.51 10.48
N THR C 67 12.96 19.09 10.77
CA THR C 67 13.05 20.11 11.82
C THR C 67 12.10 21.28 11.48
N ASN C 68 12.11 21.71 10.22
CA ASN C 68 11.22 22.80 9.78
C ASN C 68 9.76 22.41 9.96
N ALA C 69 9.42 21.18 9.59
CA ALA C 69 8.02 20.71 9.77
C ALA C 69 7.61 20.65 11.24
N VAL C 70 8.51 20.19 12.10
CA VAL C 70 8.23 20.09 13.54
C VAL C 70 8.00 21.49 14.12
N ALA C 71 8.76 22.46 13.64
CA ALA C 71 8.68 23.84 14.16
C ALA C 71 7.44 24.48 13.64
N HIS C 72 6.85 23.98 12.56
CA HIS C 72 5.72 24.59 11.86
CA HIS C 72 5.69 24.62 11.96
C HIS C 72 4.57 23.60 11.71
N VAL C 73 4.26 22.82 12.76
CA VAL C 73 3.42 21.65 12.60
CA VAL C 73 3.36 21.64 12.69
C VAL C 73 1.95 22.01 12.28
N ASP C 74 1.55 23.25 12.54
CA ASP C 74 0.22 23.74 12.15
CA ASP C 74 0.22 23.71 12.13
C ASP C 74 0.18 24.44 10.77
N ASP C 75 1.32 24.49 10.08
CA ASP C 75 1.44 25.12 8.76
CA ASP C 75 1.34 25.04 8.72
C ASP C 75 2.40 24.29 7.90
N MET C 76 2.28 22.97 7.96
CA MET C 76 3.25 22.14 7.24
CA MET C 76 3.23 22.10 7.26
C MET C 76 3.16 22.25 5.74
N PRO C 77 1.94 22.35 5.18
CA PRO C 77 1.92 22.56 3.72
C PRO C 77 2.75 23.72 3.24
N ASN C 78 2.68 24.82 3.97
CA ASN C 78 3.49 25.96 3.62
CA ASN C 78 3.48 25.98 3.63
C ASN C 78 4.97 25.71 3.88
N ALA C 79 5.28 25.15 5.03
CA ALA C 79 6.67 24.89 5.42
C ALA C 79 7.40 24.03 4.40
N LEU C 80 6.68 23.04 3.87
CA LEU C 80 7.27 22.03 2.98
C LEU C 80 6.95 22.28 1.52
N SER C 81 6.45 23.47 1.20
CA SER C 81 5.97 23.74 -0.15
CA SER C 81 5.96 23.72 -0.15
C SER C 81 7.01 23.49 -1.24
N ALA C 82 8.25 23.95 -1.03
CA ALA C 82 9.30 23.75 -2.06
C ALA C 82 9.56 22.27 -2.25
N LEU C 83 9.52 21.51 -1.17
CA LEU C 83 9.79 20.10 -1.25
C LEU C 83 8.63 19.33 -1.84
N SER C 84 7.38 19.73 -1.58
CA SER C 84 6.25 19.09 -2.23
CA SER C 84 6.28 19.04 -2.20
CA SER C 84 6.26 19.09 -2.21
C SER C 84 6.33 19.33 -3.73
N ASP C 85 6.71 20.56 -4.12
CA ASP C 85 6.88 20.82 -5.55
CA ASP C 85 6.94 20.88 -5.51
C ASP C 85 7.99 19.95 -6.12
N LEU C 86 9.15 19.85 -5.45
CA LEU C 86 10.27 19.10 -5.96
C LEU C 86 9.91 17.61 -6.15
N HIS C 87 9.25 17.03 -5.14
CA HIS C 87 8.94 15.61 -5.25
CA HIS C 87 8.93 15.61 -5.27
C HIS C 87 7.84 15.39 -6.31
N ALA C 88 6.85 16.27 -6.40
CA ALA C 88 5.78 16.08 -7.38
C ALA C 88 6.24 16.24 -8.82
N HIS C 89 7.07 17.27 -9.04
CA HIS C 89 7.38 17.74 -10.38
CA HIS C 89 7.37 17.68 -10.40
C HIS C 89 8.61 17.08 -10.97
N LYS C 90 9.55 16.75 -10.11
CA LYS C 90 10.85 16.28 -10.57
CA LYS C 90 10.88 16.30 -10.53
C LYS C 90 11.18 14.90 -10.05
N LEU C 91 11.35 14.75 -8.75
CA LEU C 91 11.83 13.46 -8.22
C LEU C 91 10.83 12.34 -8.50
N ARG C 92 9.55 12.59 -8.21
CA ARG C 92 8.48 11.70 -8.65
C ARG C 92 8.62 10.31 -8.02
N VAL C 93 9.02 10.29 -6.75
CA VAL C 93 9.13 9.07 -5.95
C VAL C 93 7.76 8.48 -5.69
N ASP C 94 7.56 7.18 -5.99
CA ASP C 94 6.22 6.64 -5.81
C ASP C 94 5.81 6.84 -4.34
N PRO C 95 4.57 7.26 -4.09
CA PRO C 95 4.16 7.44 -2.70
C PRO C 95 4.37 6.26 -1.76
N VAL C 96 4.37 5.02 -2.23
CA VAL C 96 4.59 3.91 -1.34
CA VAL C 96 4.58 3.91 -1.32
C VAL C 96 5.90 4.03 -0.56
N ASN C 97 6.90 4.64 -1.17
CA ASN C 97 8.23 4.66 -0.56
C ASN C 97 8.33 5.52 0.68
N PHE C 98 7.43 6.50 0.80
CA PHE C 98 7.45 7.35 1.99
C PHE C 98 7.15 6.57 3.25
N LYS C 99 6.28 5.55 3.15
CA LYS C 99 6.00 4.64 4.25
CA LYS C 99 6.03 4.73 4.32
C LYS C 99 7.26 3.89 4.70
N LEU C 100 8.05 3.50 3.71
CA LEU C 100 9.24 2.70 3.99
C LEU C 100 10.29 3.54 4.71
N LEU C 101 10.52 4.76 4.22
CA LEU C 101 11.46 5.67 4.89
CA LEU C 101 11.45 5.64 4.91
C LEU C 101 10.99 5.97 6.31
N SER C 102 9.67 6.24 6.43
CA SER C 102 9.12 6.59 7.75
C SER C 102 9.34 5.49 8.77
N HIS C 103 9.07 4.25 8.35
CA HIS C 103 9.30 3.10 9.23
C HIS C 103 10.78 3.02 9.62
N CYS C 104 11.67 3.22 8.63
CA CYS C 104 13.10 3.16 8.96
C CYS C 104 13.55 4.28 9.85
N LEU C 105 12.95 5.45 9.78
CA LEU C 105 13.24 6.51 10.74
C LEU C 105 12.78 6.11 12.14
N LEU C 106 11.57 5.52 12.25
CA LEU C 106 11.13 5.06 13.55
C LEU C 106 12.09 4.04 14.16
N VAL C 107 12.52 3.09 13.32
CA VAL C 107 13.47 2.09 13.82
C VAL C 107 14.76 2.74 14.30
N THR C 108 15.28 3.71 13.52
CA THR C 108 16.47 4.41 13.88
C THR C 108 16.29 5.11 15.25
N LEU C 109 15.16 5.82 15.42
CA LEU C 109 14.94 6.51 16.67
C LEU C 109 14.79 5.56 17.84
N ALA C 110 14.09 4.42 17.62
CA ALA C 110 13.94 3.41 18.66
C ALA C 110 15.31 2.85 19.09
N ALA C 111 16.18 2.62 18.12
CA ALA C 111 17.50 2.05 18.37
C ALA C 111 18.42 3.03 19.11
N HIS C 112 18.24 4.30 18.90
CA HIS C 112 19.13 5.33 19.47
C HIS C 112 18.62 6.02 20.71
N LEU C 113 17.31 6.14 20.85
CA LEU C 113 16.71 6.94 21.93
C LEU C 113 15.59 6.13 22.57
N PRO C 114 15.92 4.97 23.14
CA PRO C 114 14.84 4.12 23.64
C PRO C 114 14.08 4.70 24.79
N ALA C 115 14.72 5.51 25.64
CA ALA C 115 13.98 6.06 26.78
C ALA C 115 12.84 6.92 26.28
N GLU C 116 13.10 7.67 25.22
CA GLU C 116 12.13 8.62 24.66
CA GLU C 116 12.12 8.65 24.70
C GLU C 116 11.06 7.95 23.83
N PHE C 117 11.37 6.79 23.26
CA PHE C 117 10.49 6.10 22.31
C PHE C 117 9.46 5.27 23.04
N THR C 118 8.60 5.95 23.79
CA THR C 118 7.52 5.32 24.51
C THR C 118 6.39 4.92 23.52
N PRO C 119 5.41 4.12 23.97
CA PRO C 119 4.29 3.82 23.08
C PRO C 119 3.58 5.06 22.56
N ALA C 120 3.29 6.03 23.42
CA ALA C 120 2.63 7.23 22.98
C ALA C 120 3.47 8.01 21.98
N VAL C 121 4.79 8.11 22.24
CA VAL C 121 5.65 8.86 21.35
C VAL C 121 5.77 8.17 19.99
N HIS C 122 5.90 6.85 20.03
CA HIS C 122 5.89 6.05 18.80
C HIS C 122 4.64 6.33 17.98
N ALA C 123 3.47 6.33 18.63
CA ALA C 123 2.23 6.58 17.89
C ALA C 123 2.26 8.00 17.28
N SER C 124 2.69 8.98 18.09
CA SER C 124 2.69 10.37 17.57
C SER C 124 3.68 10.57 16.42
N LEU C 125 4.87 9.96 16.57
CA LEU C 125 5.85 10.07 15.49
C LEU C 125 5.36 9.39 14.20
N ASP C 126 4.70 8.23 14.35
CA ASP C 126 4.17 7.57 13.17
C ASP C 126 3.13 8.45 12.45
N LYS C 127 2.24 9.03 13.22
CA LYS C 127 1.23 9.93 12.66
CA LYS C 127 1.23 9.93 12.65
C LYS C 127 1.89 11.13 12.00
N PHE C 128 2.91 11.68 12.66
CA PHE C 128 3.59 12.84 12.14
C PHE C 128 4.27 12.54 10.81
N LEU C 129 4.99 11.42 10.74
CA LEU C 129 5.66 11.11 9.49
C LEU C 129 4.66 10.79 8.38
N ALA C 130 3.52 10.22 8.73
CA ALA C 130 2.44 10.03 7.74
C ALA C 130 1.95 11.37 7.22
N SER C 131 1.79 12.33 8.13
CA SER C 131 1.38 13.69 7.74
CA SER C 131 1.35 13.65 7.72
C SER C 131 2.38 14.37 6.82
N VAL C 132 3.66 14.28 7.20
CA VAL C 132 4.71 14.83 6.35
C VAL C 132 4.65 14.18 4.95
N SER C 133 4.53 12.86 4.94
CA SER C 133 4.46 12.13 3.67
C SER C 133 3.26 12.57 2.83
N THR C 134 2.10 12.75 3.46
CA THR C 134 0.92 13.25 2.75
C THR C 134 1.19 14.60 2.14
N VAL C 135 1.81 15.50 2.91
CA VAL C 135 2.15 16.82 2.36
C VAL C 135 3.10 16.71 1.18
N LEU C 136 4.11 15.86 1.32
CA LEU C 136 5.07 15.76 0.24
C LEU C 136 4.53 15.13 -1.04
N THR C 137 3.43 14.39 -0.94
CA THR C 137 2.84 13.79 -2.12
C THR C 137 1.56 14.50 -2.57
N SER C 138 1.23 15.62 -1.92
CA SER C 138 -0.05 16.27 -2.14
C SER C 138 -0.22 16.92 -3.51
N LYS C 139 0.88 17.19 -4.19
CA LYS C 139 0.83 17.87 -5.50
C LYS C 139 1.14 16.92 -6.63
N TYR C 140 1.21 15.61 -6.34
CA TYR C 140 1.59 14.64 -7.38
C TYR C 140 0.66 14.61 -8.57
N ARG C 141 -0.63 14.88 -8.37
CA ARG C 141 -1.58 14.87 -9.48
C ARG C 141 -2.74 15.75 -9.11
N MET D 1 10.20 -15.65 0.35
CA MET D 1 11.27 -15.13 1.27
CA MET D 1 11.31 -15.05 1.16
C MET D 1 12.61 -15.84 1.00
N HIS D 2 13.71 -15.07 0.90
CA HIS D 2 15.02 -15.71 0.74
CA HIS D 2 15.02 -15.68 0.68
C HIS D 2 16.09 -15.10 1.61
N LEU D 3 16.34 -15.80 2.71
CA LEU D 3 17.34 -15.46 3.68
CA LEU D 3 17.36 -15.40 3.66
C LEU D 3 18.68 -16.02 3.27
N THR D 4 19.72 -15.19 3.25
CA THR D 4 21.06 -15.74 3.10
C THR D 4 21.40 -16.57 4.34
N PRO D 5 22.42 -17.44 4.26
CA PRO D 5 22.85 -18.13 5.50
C PRO D 5 23.17 -17.12 6.59
N GLU D 6 23.80 -16.02 6.23
CA GLU D 6 24.20 -15.12 7.30
CA GLU D 6 24.18 -14.95 7.14
C GLU D 6 22.99 -14.36 7.88
N GLU D 7 21.96 -14.14 7.10
CA GLU D 7 20.74 -13.56 7.61
CA GLU D 7 20.81 -13.55 7.70
C GLU D 7 19.97 -14.50 8.53
N LYS D 8 19.93 -15.79 8.16
CA LYS D 8 19.32 -16.76 9.05
CA LYS D 8 19.34 -16.79 9.03
C LYS D 8 20.10 -16.77 10.35
N SER D 9 21.43 -16.76 10.29
CA SER D 9 22.27 -16.74 11.47
CA SER D 9 22.21 -16.79 11.51
C SER D 9 21.97 -15.55 12.36
N ALA D 10 21.83 -14.40 11.73
CA ALA D 10 21.59 -13.17 12.48
C ALA D 10 20.21 -13.19 13.16
N VAL D 11 19.20 -13.75 12.46
CA VAL D 11 17.88 -13.84 13.04
C VAL D 11 17.93 -14.73 14.26
N THR D 12 18.50 -15.92 14.11
CA THR D 12 18.54 -16.89 15.16
CA THR D 12 18.49 -16.86 15.21
C THR D 12 19.35 -16.35 16.36
N ALA D 13 20.47 -15.70 16.08
CA ALA D 13 21.30 -15.20 17.14
C ALA D 13 20.61 -14.12 17.98
N LEU D 14 19.95 -13.18 17.34
CA LEU D 14 19.28 -12.15 18.14
C LEU D 14 18.14 -12.77 18.92
N TRP D 15 17.41 -13.70 18.27
CA TRP D 15 16.21 -14.23 18.92
C TRP D 15 16.55 -14.99 20.18
N GLY D 16 17.76 -15.62 20.20
CA GLY D 16 18.17 -16.32 21.42
C GLY D 16 18.28 -15.39 22.64
N LYS D 17 18.28 -14.09 22.43
CA LYS D 17 18.36 -13.08 23.47
CA LYS D 17 18.34 -13.14 23.51
C LYS D 17 16.97 -12.59 23.90
N VAL D 18 15.91 -12.98 23.21
CA VAL D 18 14.59 -12.43 23.42
C VAL D 18 13.85 -13.15 24.53
N ASN D 19 13.23 -12.37 25.42
CA ASN D 19 12.23 -12.85 26.34
C ASN D 19 10.91 -12.75 25.56
N VAL D 20 10.44 -13.90 25.10
CA VAL D 20 9.30 -13.93 24.18
C VAL D 20 8.04 -13.36 24.82
N ASP D 21 7.77 -13.72 26.06
CA ASP D 21 6.58 -13.15 26.72
C ASP D 21 6.66 -11.64 26.80
N GLU D 22 7.84 -11.13 27.17
CA GLU D 22 8.05 -9.69 27.38
CA GLU D 22 7.95 -9.70 27.37
C GLU D 22 7.88 -8.95 26.04
N VAL D 23 8.61 -9.40 25.03
CA VAL D 23 8.54 -8.77 23.74
C VAL D 23 7.15 -8.91 23.14
N GLY D 24 6.52 -10.07 23.37
CA GLY D 24 5.16 -10.26 22.85
C GLY D 24 4.18 -9.27 23.44
N GLY D 25 4.23 -9.08 24.76
CA GLY D 25 3.36 -8.12 25.39
C GLY D 25 3.62 -6.71 24.91
N GLU D 26 4.90 -6.34 24.73
CA GLU D 26 5.26 -4.98 24.26
CA GLU D 26 5.24 -5.02 24.30
C GLU D 26 4.79 -4.76 22.86
N ALA D 27 5.09 -5.72 22.00
CA ALA D 27 4.75 -5.57 20.58
C ALA D 27 3.22 -5.55 20.39
N TYR D 28 2.52 -6.45 21.08
CA TYR D 28 1.08 -6.51 20.85
C TYR D 28 0.41 -5.30 21.47
N GLY D 29 0.88 -4.83 22.62
CA GLY D 29 0.34 -3.61 23.18
C GLY D 29 0.59 -2.44 22.25
N ARG D 30 1.82 -2.29 21.74
CA ARG D 30 2.10 -1.18 20.83
C ARG D 30 1.28 -1.26 19.55
N LEU D 31 1.00 -2.47 19.07
CA LEU D 31 0.12 -2.62 17.91
C LEU D 31 -1.20 -1.93 18.21
N LEU D 32 -1.81 -2.24 19.34
CA LEU D 32 -3.11 -1.69 19.68
C LEU D 32 -3.08 -0.19 19.95
N VAL D 33 -1.95 0.34 20.41
CA VAL D 33 -1.81 1.77 20.65
C VAL D 33 -1.55 2.54 19.36
N VAL D 34 -0.59 2.08 18.57
CA VAL D 34 -0.17 2.80 17.38
C VAL D 34 -1.17 2.67 16.24
N TYR D 35 -1.83 1.51 16.15
CA TYR D 35 -2.79 1.22 15.09
C TYR D 35 -4.10 0.82 15.75
N PRO D 36 -4.83 1.76 16.36
CA PRO D 36 -5.91 1.37 17.26
C PRO D 36 -7.08 0.65 16.63
N TRP D 37 -7.19 0.65 15.31
CA TRP D 37 -8.24 -0.13 14.67
C TRP D 37 -8.04 -1.64 14.89
N THR D 38 -6.82 -2.05 15.27
CA THR D 38 -6.57 -3.44 15.59
C THR D 38 -7.26 -3.88 16.89
N GLN D 39 -7.76 -2.90 17.67
CA GLN D 39 -8.52 -3.18 18.86
C GLN D 39 -9.85 -3.84 18.57
N ARG D 40 -10.27 -3.89 17.29
CA ARG D 40 -11.61 -4.29 16.92
CA ARG D 40 -11.63 -4.28 17.01
C ARG D 40 -11.93 -5.72 17.37
N PHE D 41 -10.92 -6.58 17.53
CA PHE D 41 -11.14 -7.97 17.90
C PHE D 41 -11.25 -8.15 19.43
N PHE D 42 -10.97 -7.08 20.18
CA PHE D 42 -10.64 -7.20 21.60
C PHE D 42 -11.60 -6.39 22.50
N GLU D 43 -12.86 -6.31 22.04
CA GLU D 43 -13.91 -5.66 22.81
CA GLU D 43 -13.92 -5.66 22.82
C GLU D 43 -14.14 -6.37 24.15
N SER D 44 -13.78 -7.64 24.22
CA SER D 44 -13.95 -8.42 25.45
C SER D 44 -12.77 -8.31 26.43
N PHE D 45 -11.73 -7.58 26.09
CA PHE D 45 -10.49 -7.60 26.86
C PHE D 45 -10.46 -6.52 27.96
N GLY D 46 -11.51 -5.72 28.12
CA GLY D 46 -11.53 -4.75 29.20
C GLY D 46 -10.97 -3.39 28.80
N ASP D 47 -10.19 -2.77 29.70
CA ASP D 47 -9.81 -1.37 29.54
C ASP D 47 -8.74 -1.21 28.47
N LEU D 48 -9.10 -0.50 27.40
CA LEU D 48 -8.19 -0.14 26.33
C LEU D 48 -8.21 1.37 26.11
N SER D 49 -8.53 2.12 27.17
CA SER D 49 -8.90 3.50 26.99
C SER D 49 -7.77 4.50 26.81
N THR D 50 -6.55 4.13 27.21
CA THR D 50 -5.36 4.98 27.17
C THR D 50 -4.17 4.07 26.79
N PRO D 51 -3.03 4.65 26.34
CA PRO D 51 -1.86 3.80 26.08
C PRO D 51 -1.43 3.00 27.30
N ASP D 52 -1.40 3.60 28.49
CA ASP D 52 -1.01 2.84 29.66
CA ASP D 52 -1.02 2.84 29.66
C ASP D 52 -1.99 1.72 29.95
N ALA D 53 -3.29 1.95 29.76
CA ALA D 53 -4.26 0.85 30.02
C ALA D 53 -4.05 -0.27 29.02
N VAL D 54 -3.81 0.05 27.74
CA VAL D 54 -3.59 -1.00 26.76
C VAL D 54 -2.33 -1.79 27.13
N MET D 55 -1.23 -1.08 27.39
CA MET D 55 0.04 -1.75 27.62
C MET D 55 -0.01 -2.62 28.87
N GLY D 56 -0.76 -2.20 29.86
CA GLY D 56 -0.85 -2.89 31.13
C GLY D 56 -1.95 -3.91 31.22
N ASN D 57 -2.79 -4.02 30.18
CA ASN D 57 -3.95 -4.88 30.21
C ASN D 57 -3.51 -6.35 30.21
N PRO D 58 -3.91 -7.14 31.23
CA PRO D 58 -3.46 -8.53 31.31
CA PRO D 58 -3.35 -8.49 31.28
C PRO D 58 -3.86 -9.39 30.11
N LYS D 59 -5.05 -9.12 29.57
CA LYS D 59 -5.55 -9.86 28.44
CA LYS D 59 -5.52 -9.90 28.46
C LYS D 59 -4.78 -9.55 27.17
N VAL D 60 -4.43 -8.29 26.99
CA VAL D 60 -3.57 -7.89 25.90
C VAL D 60 -2.23 -8.56 26.01
N LYS D 61 -1.63 -8.55 27.21
CA LYS D 61 -0.34 -9.17 27.32
CA LYS D 61 -0.36 -9.23 27.48
C LYS D 61 -0.47 -10.70 27.12
N ALA D 62 -1.53 -11.36 27.59
CA ALA D 62 -1.69 -12.80 27.36
C ALA D 62 -1.81 -13.08 25.87
N GLN D 63 -2.54 -12.26 25.15
CA GLN D 63 -2.64 -12.40 23.70
C GLN D 63 -1.25 -12.24 23.03
N GLY D 64 -0.51 -11.22 23.45
CA GLY D 64 0.84 -11.05 22.92
C GLY D 64 1.75 -12.25 23.17
N LYS D 65 1.62 -12.84 24.36
CA LYS D 65 2.43 -14.02 24.70
C LYS D 65 2.10 -15.18 23.76
N LYS D 66 0.82 -15.39 23.49
CA LYS D 66 0.39 -16.50 22.65
C LYS D 66 0.82 -16.29 21.21
N VAL D 67 0.65 -15.08 20.72
CA VAL D 67 1.00 -14.72 19.38
C VAL D 67 2.51 -14.83 19.16
N LEU D 68 3.27 -14.19 20.05
CA LEU D 68 4.73 -14.23 19.83
C LEU D 68 5.32 -15.61 20.16
N GLY D 69 4.66 -16.40 21.02
CA GLY D 69 5.11 -17.78 21.21
C GLY D 69 5.01 -18.56 19.90
N ALA D 70 3.90 -18.39 19.17
CA ALA D 70 3.74 -19.06 17.89
C ALA D 70 4.71 -18.53 16.86
N PHE D 71 4.91 -17.23 16.83
CA PHE D 71 5.93 -16.63 15.96
C PHE D 71 7.30 -17.24 16.25
N SER D 72 7.66 -17.28 17.53
CA SER D 72 8.98 -17.83 17.98
C SER D 72 9.17 -19.26 17.47
N ASP D 73 8.14 -20.08 17.65
CA ASP D 73 8.24 -21.48 17.22
C ASP D 73 8.42 -21.53 15.70
N GLY D 74 7.78 -20.63 14.95
CA GLY D 74 7.93 -20.61 13.53
C GLY D 74 9.30 -20.28 13.03
N LEU D 75 10.09 -19.60 13.86
CA LEU D 75 11.47 -19.29 13.46
C LEU D 75 12.35 -20.51 13.36
N ALA D 76 11.89 -21.67 13.85
CA ALA D 76 12.59 -22.93 13.63
C ALA D 76 12.33 -23.53 12.27
N HIS D 77 11.48 -22.86 11.49
CA HIS D 77 10.96 -23.37 10.23
CA HIS D 77 11.04 -23.40 10.19
C HIS D 77 11.07 -22.33 9.14
N LEU D 78 12.19 -21.61 9.10
CA LEU D 78 12.34 -20.54 8.12
C LEU D 78 12.27 -21.01 6.69
N ASP D 79 12.56 -22.29 6.47
CA ASP D 79 12.50 -23.01 5.22
CA ASP D 79 12.40 -22.80 5.08
C ASP D 79 11.07 -23.48 4.84
N ASN D 80 10.13 -23.32 5.74
CA ASN D 80 8.80 -23.87 5.54
C ASN D 80 7.75 -23.02 6.29
N LEU D 81 7.81 -21.72 6.12
CA LEU D 81 6.85 -20.88 6.85
C LEU D 81 5.41 -21.16 6.44
N LYS D 82 5.15 -21.34 5.13
CA LYS D 82 3.78 -21.56 4.71
CA LYS D 82 3.78 -21.57 4.70
C LYS D 82 3.26 -22.84 5.35
N GLY D 83 4.08 -23.90 5.37
CA GLY D 83 3.56 -25.08 5.99
C GLY D 83 3.35 -24.97 7.49
N THR D 84 4.32 -24.36 8.16
CA THR D 84 4.24 -24.28 9.60
CA THR D 84 4.24 -24.23 9.61
C THR D 84 3.03 -23.43 10.08
N PHE D 85 2.65 -22.43 9.30
CA PHE D 85 1.55 -21.51 9.67
C PHE D 85 0.26 -21.83 8.98
N ALA D 86 0.16 -22.91 8.21
CA ALA D 86 -1.02 -23.16 7.44
C ALA D 86 -2.29 -23.32 8.28
N THR D 87 -2.22 -24.06 9.38
CA THR D 87 -3.40 -24.26 10.16
CA THR D 87 -3.40 -24.23 10.23
C THR D 87 -3.81 -22.94 10.87
N LEU D 88 -2.83 -22.14 11.32
CA LEU D 88 -3.18 -20.84 11.89
C LEU D 88 -3.72 -19.91 10.83
N SER D 89 -3.23 -19.99 9.60
CA SER D 89 -3.81 -19.20 8.50
C SER D 89 -5.30 -19.50 8.35
N GLU D 90 -5.62 -20.79 8.26
CA GLU D 90 -7.01 -21.18 8.10
CA GLU D 90 -6.99 -21.24 8.13
C GLU D 90 -7.85 -20.70 9.28
N LEU D 91 -7.33 -20.78 10.52
CA LEU D 91 -8.10 -20.34 11.68
C LEU D 91 -8.34 -18.82 11.60
N HIS D 92 -7.30 -18.07 11.24
CA HIS D 92 -7.43 -16.63 11.18
C HIS D 92 -8.38 -16.17 10.07
N CYS D 93 -8.43 -16.89 8.97
CA CYS D 93 -9.41 -16.60 7.93
C CYS D 93 -10.82 -17.04 8.31
N ASP D 94 -10.95 -18.32 8.60
CA ASP D 94 -12.26 -18.96 8.65
C ASP D 94 -13.05 -18.64 9.92
N LYS D 95 -12.36 -18.50 11.05
CA LYS D 95 -13.03 -18.32 12.33
C LYS D 95 -12.78 -16.94 12.92
N LEU D 96 -11.56 -16.42 12.81
CA LEU D 96 -11.25 -15.16 13.50
C LEU D 96 -11.49 -13.95 12.65
N HIS D 97 -11.55 -14.13 11.32
CA HIS D 97 -11.85 -13.01 10.43
CA HIS D 97 -11.78 -13.04 10.34
C HIS D 97 -10.84 -11.87 10.55
N VAL D 98 -9.54 -12.22 10.63
CA VAL D 98 -8.51 -11.21 10.79
C VAL D 98 -7.97 -10.80 9.44
N ASP D 99 -8.09 -9.55 9.07
CA ASP D 99 -7.51 -9.06 7.83
C ASP D 99 -5.98 -9.25 7.92
N PRO D 100 -5.35 -9.91 6.95
CA PRO D 100 -3.88 -10.06 7.01
C PRO D 100 -3.10 -8.79 7.03
N GLU D 101 -3.67 -7.63 6.67
CA GLU D 101 -2.91 -6.43 6.86
CA GLU D 101 -2.98 -6.35 6.91
C GLU D 101 -2.53 -6.24 8.35
N ASN D 102 -3.33 -6.77 9.27
CA ASN D 102 -2.98 -6.72 10.72
C ASN D 102 -1.65 -7.40 11.00
N PHE D 103 -1.39 -8.52 10.29
CA PHE D 103 -0.10 -9.20 10.46
C PHE D 103 1.06 -8.33 10.00
N ARG D 104 0.88 -7.58 8.92
CA ARG D 104 1.94 -6.71 8.45
CA ARG D 104 1.88 -6.67 8.39
C ARG D 104 2.18 -5.57 9.42
N LEU D 105 1.12 -5.00 9.98
CA LEU D 105 1.29 -3.95 11.01
C LEU D 105 2.03 -4.52 12.21
N LEU D 106 1.67 -5.74 12.66
CA LEU D 106 2.37 -6.34 13.77
C LEU D 106 3.85 -6.54 13.46
N GLY D 107 4.12 -6.99 12.23
CA GLY D 107 5.52 -7.20 11.84
C GLY D 107 6.32 -5.91 11.95
N ASN D 108 5.75 -4.80 11.49
CA ASN D 108 6.50 -3.56 11.59
CA ASN D 108 6.29 -3.43 11.60
C ASN D 108 6.63 -3.08 13.04
N VAL D 109 5.62 -3.27 13.87
CA VAL D 109 5.74 -2.96 15.31
C VAL D 109 6.83 -3.83 15.96
N LEU D 110 6.84 -5.12 15.63
CA LEU D 110 7.83 -6.01 16.20
C LEU D 110 9.22 -5.53 15.83
N VAL D 111 9.46 -5.16 14.58
CA VAL D 111 10.76 -4.63 14.19
C VAL D 111 11.13 -3.41 15.05
N CYS D 112 10.16 -2.48 15.23
CA CYS D 112 10.43 -1.32 16.10
C CYS D 112 10.74 -1.72 17.53
N VAL D 113 10.03 -2.73 18.06
CA VAL D 113 10.29 -3.19 19.41
C VAL D 113 11.65 -3.85 19.55
N LEU D 114 12.05 -4.64 18.54
CA LEU D 114 13.39 -5.22 18.57
C LEU D 114 14.46 -4.12 18.53
N ALA D 115 14.25 -3.08 17.74
CA ALA D 115 15.18 -1.96 17.73
C ALA D 115 15.22 -1.28 19.08
N HIS D 116 14.03 -1.03 19.64
CA HIS D 116 13.95 -0.42 20.95
C HIS D 116 14.69 -1.21 22.02
N HIS D 117 14.49 -2.53 21.99
CA HIS D 117 15.08 -3.35 23.04
CA HIS D 117 15.04 -3.44 22.99
C HIS D 117 16.56 -3.63 22.85
N PHE D 118 17.05 -3.70 21.62
CA PHE D 118 18.40 -4.18 21.33
C PHE D 118 19.37 -3.08 20.96
N GLY D 119 18.92 -1.86 20.67
CA GLY D 119 19.89 -0.77 20.55
C GLY D 119 20.93 -1.03 19.50
N LYS D 120 22.20 -0.89 19.86
CA LYS D 120 23.38 -1.13 19.00
CA LYS D 120 23.26 -1.05 18.87
C LYS D 120 23.30 -2.41 18.21
N GLU D 121 22.77 -3.41 18.87
CA GLU D 121 22.77 -4.73 18.24
C GLU D 121 21.79 -4.86 17.07
N PHE D 122 20.80 -3.97 17.00
CA PHE D 122 19.84 -4.03 15.96
C PHE D 122 20.31 -3.22 14.73
N THR D 123 21.40 -3.71 14.13
CA THR D 123 22.09 -3.00 13.06
C THR D 123 21.25 -2.98 11.80
N PRO D 124 21.63 -2.16 10.82
CA PRO D 124 20.87 -2.18 9.57
C PRO D 124 20.75 -3.57 8.90
N PRO D 125 21.85 -4.34 8.85
CA PRO D 125 21.65 -5.69 8.26
C PRO D 125 20.79 -6.62 9.11
N VAL D 126 20.86 -6.52 10.44
CA VAL D 126 19.98 -7.34 11.30
C VAL D 126 18.52 -6.93 11.06
N GLN D 127 18.26 -5.63 10.98
CA GLN D 127 16.90 -5.19 10.65
C GLN D 127 16.48 -5.77 9.33
N ALA D 128 17.32 -5.73 8.31
CA ALA D 128 16.89 -6.20 6.99
C ALA D 128 16.52 -7.69 7.03
N ALA D 129 17.27 -8.49 7.77
CA ALA D 129 16.92 -9.88 7.95
C ALA D 129 15.57 -10.04 8.63
N TYR D 130 15.36 -9.29 9.71
CA TYR D 130 14.07 -9.37 10.36
C TYR D 130 12.91 -8.82 9.51
N GLN D 131 13.17 -7.84 8.66
CA GLN D 131 12.10 -7.42 7.72
C GLN D 131 11.70 -8.53 6.80
N LYS D 132 12.65 -9.28 6.28
CA LYS D 132 12.34 -10.46 5.45
C LYS D 132 11.54 -11.45 6.22
N VAL D 133 11.91 -11.72 7.47
CA VAL D 133 11.18 -12.69 8.26
C VAL D 133 9.77 -12.26 8.57
N VAL D 134 9.55 -11.02 9.01
CA VAL D 134 8.18 -10.66 9.34
C VAL D 134 7.32 -10.62 8.10
N ALA D 135 7.88 -10.22 6.97
CA ALA D 135 7.13 -10.30 5.71
C ALA D 135 6.78 -11.76 5.38
N GLY D 136 7.75 -12.65 5.55
CA GLY D 136 7.49 -14.06 5.25
C GLY D 136 6.47 -14.67 6.17
N VAL D 137 6.51 -14.30 7.48
CA VAL D 137 5.50 -14.80 8.40
C VAL D 137 4.11 -14.24 8.06
N ALA D 138 4.02 -12.95 7.82
CA ALA D 138 2.70 -12.38 7.43
C ALA D 138 2.20 -13.06 6.15
N ASN D 139 3.06 -13.27 5.16
CA ASN D 139 2.65 -13.91 3.93
CA ASN D 139 2.60 -13.91 3.93
C ASN D 139 2.15 -15.33 4.18
N ALA D 140 2.86 -16.07 5.04
CA ALA D 140 2.48 -17.43 5.40
C ALA D 140 1.15 -17.44 6.11
N LEU D 141 0.93 -16.51 7.03
CA LEU D 141 -0.33 -16.42 7.75
C LEU D 141 -1.48 -16.00 6.83
N ALA D 142 -1.17 -15.33 5.74
CA ALA D 142 -2.20 -14.92 4.77
C ALA D 142 -2.49 -15.98 3.70
N HIS D 143 -1.65 -17.01 3.63
CA HIS D 143 -1.60 -17.90 2.49
CA HIS D 143 -1.62 -17.83 2.43
C HIS D 143 -2.86 -18.72 2.24
N LYS D 144 -3.53 -19.14 3.30
CA LYS D 144 -4.71 -19.99 3.22
CA LYS D 144 -4.68 -19.98 3.14
C LYS D 144 -5.98 -19.17 3.17
N TYR D 145 -5.91 -17.84 3.10
CA TYR D 145 -7.14 -17.06 3.00
C TYR D 145 -7.80 -17.33 1.68
N HIS D 146 -9.11 -17.23 1.67
CA HIS D 146 -9.93 -17.50 0.51
C HIS D 146 -11.28 -16.82 0.73
CHA HEM E . -20.98 0.27 6.39
CHB HEM E . -19.74 3.85 3.42
CHC HEM E . -15.58 1.60 2.38
CHD HEM E . -16.86 -2.03 5.28
C1A HEM E . -21.04 1.43 5.65
C2A HEM E . -22.21 2.29 5.47
C3A HEM E . -21.87 3.26 4.62
C4A HEM E . -20.47 3.06 4.26
CMA HEM E . -22.70 4.42 4.06
CAA HEM E . -23.55 2.04 6.15
CBA HEM E . -23.57 2.72 7.51
CGA HEM E . -24.92 2.59 8.21
O1A HEM E . -25.69 1.62 7.93
O2A HEM E . -25.21 3.47 9.05
C1B HEM E . -18.48 3.59 2.89
C2B HEM E . -17.83 4.37 1.87
C3B HEM E . -16.68 3.73 1.57
C4B HEM E . -16.61 2.54 2.38
CMB HEM E . -18.32 5.69 1.25
CAB HEM E . -15.63 4.10 0.59
CBB HEM E . -15.90 4.69 -0.63
C1C HEM E . -15.57 0.39 3.06
C2C HEM E . -14.59 -0.66 2.89
C3C HEM E . -14.96 -1.69 3.66
C4C HEM E . -16.17 -1.28 4.38
CMC HEM E . -13.36 -0.49 2.05
CAC HEM E . -14.34 -3.05 3.88
CBC HEM E . -13.64 -3.67 2.93
C1D HEM E . -18.06 -1.70 5.92
C2D HEM E . -18.75 -2.55 6.81
C3D HEM E . -19.98 -1.90 7.13
C4D HEM E . -19.98 -0.67 6.39
CMD HEM E . -18.31 -3.90 7.39
CAD HEM E . -21.09 -2.42 7.99
CBD HEM E . -22.04 -3.24 7.12
CGD HEM E . -23.19 -3.84 7.93
O1D HEM E . -23.00 -4.20 9.10
O2D HEM E . -24.28 -3.92 7.42
NA HEM E . -20.01 1.93 4.89
NB HEM E . -17.72 2.49 3.18
NC HEM E . -16.52 -0.01 3.97
ND HEM E . -18.79 -0.55 5.69
FE HEM E . -18.09 1.14 4.72
S SO4 F . -4.18 -6.90 -1.55
O1 SO4 F . -4.23 -5.81 -0.58
O2 SO4 F . -3.68 -6.41 -2.83
O3 SO4 F . -3.28 -7.93 -1.05
O4 SO4 F . -5.48 -7.51 -1.75
S SO4 G . -21.64 6.18 -21.64
O1 SO4 G . -20.40 6.40 -20.98
O2 SO4 G . -22.09 7.29 -22.48
O3 SO4 G . -21.46 4.97 -22.38
O4 SO4 G . -22.62 5.98 -20.58
S SO4 H . -8.79 17.48 -17.23
O1 SO4 H . -8.76 18.96 -17.18
O2 SO4 H . -7.85 16.98 -18.19
O3 SO4 H . -8.62 16.93 -15.89
O4 SO4 H . -10.17 17.07 -17.43
XE XE I . -17.84 8.83 -7.42
XE XE I . -17.19 7.68 -7.79
XE XE J . -21.19 3.76 -7.24
XE XE J . -19.62 2.55 -8.79
XE XE K . -22.13 -7.08 2.16
XE XE L . -18.63 1.39 -3.81
XE XE M . -15.19 3.60 -2.98
XE XE N . -17.90 7.22 -15.73
K K O . -1.58 2.06 8.13
CHA HEM P . 11.25 -1.09 -21.70
CHB HEM P . 8.43 -4.87 -20.66
CHC HEM P . 6.26 -2.27 -17.21
CHD HEM P . 9.54 1.22 -17.80
C1A HEM P . 10.62 -2.31 -21.77
C2A HEM P . 10.74 -3.28 -22.86
C3A HEM P . 9.93 -4.32 -22.56
C4A HEM P . 9.30 -4.04 -21.30
CMA HEM P . 9.62 -5.54 -23.45
CAA HEM P . 11.59 -3.08 -24.12
CBA HEM P . 13.03 -3.50 -23.80
CGA HEM P . 13.95 -3.27 -24.97
O1A HEM P . 13.48 -3.25 -26.15
O2A HEM P . 15.17 -3.13 -24.72
C1B HEM P . 7.66 -4.56 -19.55
C2B HEM P . 6.62 -5.35 -18.98
C3B HEM P . 6.00 -4.63 -18.05
C4B HEM P . 6.65 -3.35 -18.00
CMB HEM P . 6.29 -6.78 -19.41
CAB HEM P . 4.83 -5.02 -17.19
CBB HEM P . 4.73 -4.76 -15.89
C1C HEM P . 6.91 -1.05 -17.12
C2C HEM P . 6.48 0.08 -16.31
C3C HEM P . 7.43 1.03 -16.42
C4C HEM P . 8.45 0.53 -17.33
CMC HEM P . 5.22 0.09 -15.51
CAC HEM P . 7.54 2.39 -15.81
CBC HEM P . 6.50 3.18 -15.57
C1D HEM P . 10.33 0.91 -18.90
C2D HEM P . 11.28 1.79 -19.48
C3D HEM P . 11.76 1.17 -20.65
C4D HEM P . 11.07 -0.13 -20.71
CMD HEM P . 11.74 3.15 -18.99
CAD HEM P . 12.70 1.73 -21.69
CBD HEM P . 11.83 2.61 -22.60
CGD HEM P . 12.60 3.36 -23.64
O1D HEM P . 12.53 2.97 -24.83
O2D HEM P . 13.22 4.43 -23.37
NA HEM P . 9.74 -2.81 -20.83
NB HEM P . 7.67 -3.32 -18.91
NC HEM P . 8.12 -0.74 -17.72
ND HEM P . 10.23 -0.25 -19.64
FE HEM P . 9.14 -1.89 -19.09
S SO4 Q . 5.44 -18.06 -10.44
O1 SO4 Q . 6.83 -18.06 -10.91
O2 SO4 Q . 4.62 -18.28 -11.62
O3 SO4 Q . 5.27 -19.12 -9.49
O4 SO4 Q . 4.93 -16.81 -9.86
S SO4 R . -11.93 1.53 -25.39
S SO4 R . -12.04 0.70 -25.84
O1 SO4 R . -10.72 2.31 -25.17
O1 SO4 R . -11.06 0.37 -24.72
O2 SO4 R . -12.25 1.41 -26.81
O2 SO4 R . -11.21 1.73 -26.57
O3 SO4 R . -12.04 0.19 -24.82
O3 SO4 R . -12.55 -0.40 -26.68
O4 SO4 R . -13.07 2.20 -24.78
O4 SO4 R . -13.11 1.43 -25.19
K K S . 6.46 -0.90 -30.48
XE XE T . 1.59 -6.02 -14.62
XE XE T . 0.53 -5.02 -18.21
XE XE T . 0.93 -5.81 -15.74
XE XE U . 0.62 -1.95 -21.28
CHA HEM V . 15.87 14.93 -2.22
CHB HEM V . 13.18 15.55 1.73
CHC HEM V . 11.35 11.12 1.22
CHD HEM V . 14.12 10.48 -2.68
C1A HEM V . 15.34 15.49 -1.06
C2A HEM V . 15.78 16.71 -0.42
C3A HEM V . 15.03 16.85 0.68
C4A HEM V . 14.08 15.77 0.74
CMA HEM V . 15.16 17.98 1.75
CAA HEM V . 16.97 17.55 -0.92
CBA HEM V . 16.51 18.57 -1.93
CGA HEM V . 17.62 19.47 -2.45
O1A HEM V . 17.24 20.59 -2.89
O2A HEM V . 18.81 19.07 -2.46
C1B HEM V . 12.41 14.43 1.95
C2B HEM V . 11.58 14.19 3.10
C3B HEM V . 11.08 12.94 2.95
C4B HEM V . 11.60 12.39 1.73
CMB HEM V . 11.34 15.20 4.23
CAB HEM V . 10.17 12.18 3.85
CBB HEM V . 10.27 12.30 5.19
C1C HEM V . 11.95 10.53 0.13
C2C HEM V . 11.83 9.13 -0.25
C3C HEM V . 12.63 8.94 -1.33
C4C HEM V . 13.26 10.22 -1.64
CMC HEM V . 10.87 8.16 0.42
CAC HEM V . 12.90 7.69 -2.10
CBC HEM V . 12.86 6.46 -1.58
C1D HEM V . 14.76 11.66 -2.95
C2D HEM V . 15.71 11.80 -3.99
C3D HEM V . 16.27 13.10 -3.89
C4D HEM V . 15.60 13.68 -2.74
CMD HEM V . 16.04 10.81 -5.11
CAD HEM V . 17.32 13.73 -4.73
CBD HEM V . 18.70 13.30 -4.19
CGD HEM V . 19.86 13.90 -4.97
O1D HEM V . 20.64 14.64 -4.43
O2D HEM V . 20.03 13.58 -6.16
NA HEM V . 14.30 14.94 -0.34
NB HEM V . 12.39 13.32 1.12
NC HEM V . 12.82 11.15 -0.73
ND HEM V . 14.70 12.81 -2.19
FE HEM V . 13.24 13.20 -0.76
S SO4 W . 11.27 -4.44 -1.54
O1 SO4 W . 12.18 -3.30 -1.53
O2 SO4 W . 10.13 -4.16 -2.43
O3 SO4 W . 11.95 -5.71 -1.85
O4 SO4 W . 10.75 -4.62 -0.18
S SO4 X . -2.97 8.92 10.27
O1 SO4 X . -1.55 8.59 10.15
O2 SO4 X . -3.57 9.24 8.99
O3 SO4 X . -3.66 7.76 10.84
O4 SO4 X . -3.07 10.02 11.27
P PO4 Y . -3.99 11.52 -4.70
O1 PO4 Y . -4.75 12.70 -5.21
O2 PO4 Y . -3.57 11.54 -3.26
O3 PO4 Y . -4.80 10.31 -4.93
O4 PO4 Y . -2.82 11.55 -5.66
K K Z . 6.97 -0.57 6.29
XE XE AA . 10.17 13.79 13.16
XE XE AA . 10.29 12.73 13.15
XE XE BA . 21.70 9.17 -0.93
XE XE BA . 20.66 8.66 0.28
XE XE CA . 14.50 10.38 7.24
XE XE DA . 10.86 10.32 6.97
XE XE EA . 12.42 9.34 20.07
CHA HEM FA . -5.45 -16.11 18.31
CHB HEM FA . -1.04 -16.58 16.39
CHC HEM FA . -1.31 -12.09 14.68
CHD HEM FA . -5.92 -11.82 16.14
C1A HEM FA . -4.19 -16.63 17.98
C2A HEM FA . -3.61 -17.84 18.52
C3A HEM FA . -2.36 -17.95 18.01
C4A HEM FA . -2.17 -16.81 17.13
CMA HEM FA . -1.35 -19.03 18.29
CAA HEM FA . -4.33 -18.81 19.42
CBA HEM FA . -5.10 -19.79 18.53
CGA HEM FA . -5.91 -20.83 19.26
O1A HEM FA . -5.98 -21.96 18.78
O2A HEM FA . -6.45 -20.53 20.35
C1B HEM FA . -0.76 -15.45 15.67
C2B HEM FA . 0.51 -15.15 14.99
C3B HEM FA . 0.41 -13.89 14.54
C4B HEM FA . -0.88 -13.39 14.87
CMB HEM FA . 1.68 -16.13 14.89
CAB HEM FA . 1.49 -13.09 13.86
CBB HEM FA . 2.76 -13.16 14.29
C1C HEM FA . -2.57 -11.60 14.96
C2C HEM FA . -2.99 -10.22 14.78
C3C HEM FA . -4.31 -10.15 15.14
C4C HEM FA . -4.68 -11.46 15.60
CMC HEM FA . -2.06 -9.13 14.25
CAC HEM FA . -5.27 -8.98 15.11
CBC HEM FA . -4.88 -7.77 15.39
C1D HEM FA . -6.22 -12.96 16.84
C2D HEM FA . -7.44 -13.18 17.57
C3D HEM FA . -7.30 -14.40 18.26
C4D HEM FA . -5.98 -14.90 17.88
CMD HEM FA . -8.63 -12.24 17.63
CAD HEM FA . -8.23 -15.03 19.21
CBD HEM FA . -7.96 -14.56 20.62
CGD HEM FA . -8.91 -15.08 21.70
O1D HEM FA . -8.66 -14.74 22.88
O2D HEM FA . -9.86 -15.84 21.38
NA HEM FA . -3.28 -15.99 17.17
NB HEM FA . -1.57 -14.35 15.56
NC HEM FA . -3.63 -12.32 15.47
ND HEM FA . -5.37 -14.02 17.03
FE HEM FA . -3.59 -14.31 16.03
S SO4 GA . 7.29 -0.22 26.44
O1 SO4 GA . 8.31 0.71 26.05
O2 SO4 GA . 6.69 -0.81 25.26
O3 SO4 GA . 8.00 -1.27 27.20
O4 SO4 GA . 6.29 0.34 27.37
XE XE HA . 4.33 -10.94 11.40
XE XE HA . 4.94 -11.14 15.23
XE XE HA . 4.80 -10.82 12.47
XE XE IA . 3.37 -10.02 19.38
#